data_2CBJ
#
_entry.id   2CBJ
#
_cell.length_a   129.613
_cell.length_b   145.745
_cell.length_c   152.800
_cell.angle_alpha   90.00
_cell.angle_beta   90.00
_cell.angle_gamma   90.00
#
_symmetry.space_group_name_H-M   'I 21 21 21'
#
loop_
_entity.id
_entity.type
_entity.pdbx_description
1 polymer HYALURONIDASE
2 non-polymer 'O-(2-ACETAMIDO-2-DEOXY D-GLUCOPYRANOSYLIDENE) AMINO-N-PHENYLCARBAMATE'
3 non-polymer 'CHLORIDE ION'
4 water water
#
_entity_poly.entity_id   1
_entity_poly.type   'polypeptide(L)'
_entity_poly.pdbx_seq_one_letter_code
;VGPKTGEENQVLVPNLNPTPENLEVVGDGFKITSSINLVGEEEADENAVNALREFLTANNIEINSENDPNSTTLIIGEVD
DDIPELDEALNGTTAENLKEEGYALVSNDGKIAIEGKDGDGTFYGVQTFKQLVKESNIPEVNITDYPTVSARGIVEGFYG
TPWTHQDRLDQIKFYGENKLNTYIYAPKDDPYHREKWREPYPESEMQRMQELINASAENKVDFVFGISPGIDIRFDGDAG
EEDFNHLITKAESLYDMGVRSFAIYWDDIQDKSAAKHAQVLNRFNEEFVKAKGDVKPLITVPTEYDTGAMVSNGQPRAYT
RIFAETVDPSIEVMWTGPGVVTNEIPLSDAQLISGIYNRNMAVWWNYPVTDYFKGKLALGPMHGLDKGLNQYVDFFTVNP
MEHAELSKISIHTAADYSWNMDNYDYDKAWNRAIDMLYGDLAEDMKVFANHSTRMDNKTWAKSGREDAPELRAKMDELWN
KLSSKEDASALIEELYGEFARMEEACNNLKANLPEVALEECSRQLDELITLAQGDKASLDMIVAQLNEDTEAYESAKEIA
QNKLNTALSSFAVISEKVAQSFIQEALSFDLTLI
;
_entity_poly.pdbx_strand_id   A,B
#
loop_
_chem_comp.id
_chem_comp.type
_chem_comp.name
_chem_comp.formula
CL non-polymer 'CHLORIDE ION' 'Cl -1'
OAN non-polymer 'O-(2-ACETAMIDO-2-DEOXY D-GLUCOPYRANOSYLIDENE) AMINO-N-PHENYLCARBAMATE' 'C15 H19 N3 O7'
#
# COMPACT_ATOMS: atom_id res chain seq x y z
N GLN A 10 -18.38 -27.99 34.37
CA GLN A 10 -19.84 -28.04 34.07
C GLN A 10 -20.05 -28.85 32.81
N VAL A 11 -21.27 -29.37 32.66
CA VAL A 11 -21.78 -29.79 31.35
C VAL A 11 -20.85 -29.34 30.20
N LEU A 12 -20.67 -28.02 30.03
CA LEU A 12 -19.86 -27.53 28.92
C LEU A 12 -18.40 -27.33 29.26
N VAL A 13 -17.54 -27.65 28.29
CA VAL A 13 -16.09 -27.45 28.46
C VAL A 13 -15.75 -25.96 28.34
N PRO A 14 -15.15 -25.38 29.41
CA PRO A 14 -14.72 -23.99 29.35
C PRO A 14 -13.61 -23.76 28.30
N ASN A 15 -13.34 -22.49 27.99
CA ASN A 15 -12.10 -22.11 27.31
C ASN A 15 -10.87 -22.75 27.99
N LEU A 16 -10.05 -23.42 27.17
CA LEU A 16 -8.79 -23.91 27.68
C LEU A 16 -7.63 -23.33 26.90
N ASN A 17 -6.51 -23.11 27.58
CA ASN A 17 -5.31 -22.67 26.91
C ASN A 17 -4.08 -23.26 27.55
N PRO A 18 -3.22 -23.93 26.75
CA PRO A 18 -3.39 -24.20 25.31
C PRO A 18 -4.47 -25.27 24.99
N THR A 19 -4.79 -25.41 23.70
CA THR A 19 -5.77 -26.37 23.21
C THR A 19 -5.16 -27.76 23.32
N PRO A 20 -5.76 -28.63 24.18
CA PRO A 20 -5.30 -30.02 24.38
C PRO A 20 -5.34 -30.85 23.10
N GLU A 21 -4.30 -31.66 22.91
CA GLU A 21 -4.12 -32.44 21.69
C GLU A 21 -5.35 -33.26 21.34
N ASN A 22 -5.73 -34.12 22.29
CA ASN A 22 -6.92 -34.95 22.17
C ASN A 22 -7.78 -34.71 23.39
N LEU A 23 -8.95 -34.12 23.16
CA LEU A 23 -9.95 -33.98 24.21
C LEU A 23 -11.27 -34.55 23.70
N GLU A 24 -11.90 -35.39 24.51
CA GLU A 24 -13.25 -35.86 24.19
C GLU A 24 -14.16 -35.76 25.41
N VAL A 25 -15.39 -35.30 25.19
CA VAL A 25 -16.42 -35.28 26.23
C VAL A 25 -17.04 -36.67 26.31
N VAL A 26 -17.02 -37.28 27.50
CA VAL A 26 -17.46 -38.66 27.64
C VAL A 26 -18.71 -38.84 28.52
N GLY A 27 -19.24 -37.73 29.02
CA GLY A 27 -20.38 -37.76 29.92
C GLY A 27 -21.08 -36.42 30.07
N ASP A 28 -21.83 -36.27 31.16
CA ASP A 28 -22.68 -35.09 31.33
C ASP A 28 -22.06 -33.98 32.17
N GLY A 29 -21.04 -34.33 32.93
CA GLY A 29 -20.39 -33.38 33.81
C GLY A 29 -20.87 -33.61 35.20
N PHE A 30 -20.11 -33.15 36.19
CA PHE A 30 -20.51 -33.32 37.59
C PHE A 30 -19.99 -32.20 38.49
N LYS A 31 -20.62 -32.03 39.64
CA LYS A 31 -20.26 -30.97 40.57
C LYS A 31 -19.31 -31.57 41.59
N ILE A 32 -18.09 -31.06 41.63
CA ILE A 32 -17.12 -31.46 42.64
C ILE A 32 -17.64 -31.08 44.03
N THR A 33 -17.47 -31.97 45.00
CA THR A 33 -18.00 -31.76 46.36
C THR A 33 -17.14 -30.75 47.15
N SER A 34 -17.70 -30.24 48.25
CA SER A 34 -17.05 -29.18 49.05
C SER A 34 -15.69 -29.56 49.67
N SER A 35 -15.56 -30.83 50.05
CA SER A 35 -14.24 -31.40 50.35
C SER A 35 -14.06 -32.65 49.49
N ILE A 36 -12.82 -32.96 49.16
CA ILE A 36 -12.54 -34.06 48.25
C ILE A 36 -11.52 -35.04 48.79
N ASN A 37 -11.56 -36.25 48.25
CA ASN A 37 -10.53 -37.25 48.47
C ASN A 37 -9.36 -36.99 47.53
N LEU A 38 -8.17 -36.90 48.12
CA LEU A 38 -6.98 -36.67 47.33
C LEU A 38 -6.11 -37.90 47.41
N VAL A 39 -5.73 -38.42 46.25
CA VAL A 39 -4.83 -39.56 46.17
C VAL A 39 -3.63 -39.22 45.30
N GLY A 40 -2.45 -39.59 45.80
CA GLY A 40 -1.18 -39.48 45.07
C GLY A 40 -0.22 -38.41 45.56
N GLU A 41 -0.68 -37.53 46.46
CA GLU A 41 0.06 -36.34 46.93
C GLU A 41 1.55 -36.53 47.16
N GLU A 42 1.89 -37.48 48.03
CA GLU A 42 3.25 -37.66 48.52
C GLU A 42 4.18 -38.29 47.49
N GLU A 43 3.61 -38.98 46.51
CA GLU A 43 4.37 -39.67 45.46
C GLU A 43 4.42 -38.88 44.13
N ALA A 44 3.47 -37.97 43.96
CA ALA A 44 3.37 -37.16 42.75
C ALA A 44 4.18 -35.85 42.82
N ASP A 45 4.38 -35.25 41.65
CA ASP A 45 5.25 -34.08 41.48
C ASP A 45 4.99 -32.97 42.50
N GLU A 46 6.04 -32.54 43.20
CA GLU A 46 5.93 -31.51 44.24
C GLU A 46 5.29 -30.22 43.69
N ASN A 47 5.77 -29.75 42.54
CA ASN A 47 5.29 -28.48 42.02
C ASN A 47 3.83 -28.63 41.56
N ALA A 48 3.52 -29.77 40.98
CA ALA A 48 2.15 -30.03 40.52
C ALA A 48 1.17 -29.97 41.71
N VAL A 49 1.51 -30.70 42.80
CA VAL A 49 0.69 -30.76 44.04
C VAL A 49 0.47 -29.39 44.70
N ASN A 50 1.53 -28.57 44.75
CA ASN A 50 1.39 -27.22 45.31
C ASN A 50 0.42 -26.38 44.49
N ALA A 51 0.61 -26.39 43.17
CA ALA A 51 -0.29 -25.68 42.29
C ALA A 51 -1.71 -26.25 42.48
N LEU A 52 -1.83 -27.58 42.60
CA LEU A 52 -3.13 -28.17 42.91
C LEU A 52 -3.64 -27.63 44.25
N ARG A 53 -2.80 -27.64 45.28
CA ARG A 53 -3.19 -27.13 46.60
C ARG A 53 -3.66 -25.67 46.53
N GLU A 54 -2.89 -24.83 45.84
CA GLU A 54 -3.19 -23.40 45.79
C GLU A 54 -4.54 -23.17 45.16
N PHE A 55 -4.84 -23.95 44.10
CA PHE A 55 -6.15 -23.88 43.43
C PHE A 55 -7.30 -24.32 44.34
N LEU A 56 -7.05 -25.32 45.18
CA LEU A 56 -8.04 -25.85 46.08
C LEU A 56 -8.34 -24.82 47.15
N THR A 57 -7.28 -24.31 47.78
CA THR A 57 -7.37 -23.23 48.77
C THR A 57 -8.18 -22.05 48.21
N ALA A 58 -7.83 -21.61 46.99
CA ALA A 58 -8.45 -20.43 46.38
C ALA A 58 -9.94 -20.59 46.13
N ASN A 59 -10.35 -21.80 45.76
CA ASN A 59 -11.74 -22.02 45.39
C ASN A 59 -12.55 -22.68 46.48
N ASN A 60 -12.06 -22.56 47.71
CA ASN A 60 -12.74 -23.06 48.90
C ASN A 60 -13.19 -24.53 48.79
N ILE A 61 -12.28 -25.35 48.27
CA ILE A 61 -12.46 -26.78 48.15
C ILE A 61 -11.55 -27.42 49.19
N GLU A 62 -12.18 -28.01 50.20
CA GLU A 62 -11.46 -28.60 51.31
C GLU A 62 -10.89 -29.98 50.93
N ILE A 63 -9.89 -30.45 51.67
CA ILE A 63 -9.38 -31.82 51.50
C ILE A 63 -9.74 -32.68 52.71
N ASN A 64 -10.32 -33.86 52.48
CA ASN A 64 -10.57 -34.86 53.52
C ASN A 64 -9.26 -35.40 54.08
N SER A 65 -9.12 -35.35 55.41
CA SER A 65 -7.98 -35.99 56.05
C SER A 65 -8.23 -37.49 56.30
N GLU A 66 -9.35 -38.01 55.78
CA GLU A 66 -9.75 -39.39 56.05
C GLU A 66 -10.13 -40.20 54.83
N ASN A 67 -11.22 -39.80 54.17
CA ASN A 67 -11.66 -40.38 52.89
C ASN A 67 -13.14 -40.23 52.58
N ASP A 68 -13.92 -41.27 52.82
CA ASP A 68 -15.06 -41.56 51.94
C ASP A 68 -16.04 -40.45 51.52
N PRO A 69 -16.85 -39.93 52.47
CA PRO A 69 -18.30 -39.68 52.34
C PRO A 69 -18.81 -39.45 50.92
N ASN A 70 -18.66 -40.45 50.05
CA ASN A 70 -18.91 -40.24 48.63
C ASN A 70 -18.56 -38.77 48.22
N SER A 71 -17.35 -38.36 48.56
CA SER A 71 -16.77 -37.11 48.10
C SER A 71 -16.17 -37.35 46.71
N THR A 72 -15.93 -36.28 45.96
CA THR A 72 -15.17 -36.36 44.74
C THR A 72 -13.76 -36.91 45.02
N THR A 73 -13.29 -37.83 44.18
CA THR A 73 -11.92 -38.31 44.30
C THR A 73 -11.06 -37.70 43.20
N LEU A 74 -9.91 -37.15 43.62
CA LEU A 74 -8.92 -36.65 42.70
C LEU A 74 -7.64 -37.47 42.88
N ILE A 75 -7.25 -38.14 41.80
CA ILE A 75 -6.03 -38.94 41.80
C ILE A 75 -4.96 -38.33 40.88
N ILE A 76 -3.76 -38.18 41.44
CA ILE A 76 -2.67 -37.49 40.77
C ILE A 76 -1.41 -38.34 40.83
N GLY A 77 -0.64 -38.35 39.74
CA GLY A 77 0.58 -39.16 39.69
C GLY A 77 1.25 -39.21 38.34
N GLU A 78 2.40 -39.89 38.30
CA GLU A 78 3.20 -40.14 37.09
C GLU A 78 3.11 -41.62 36.68
N VAL A 79 3.27 -41.88 35.38
CA VAL A 79 3.16 -43.24 34.84
C VAL A 79 4.06 -44.25 35.58
N ASP A 80 5.21 -43.76 36.04
CA ASP A 80 6.21 -44.61 36.69
C ASP A 80 5.81 -45.11 38.07
N ASP A 81 5.02 -44.31 38.79
CA ASP A 81 4.50 -44.66 40.10
C ASP A 81 3.54 -45.86 40.06
N ASP A 82 3.66 -46.75 41.04
CA ASP A 82 2.72 -47.87 41.18
C ASP A 82 1.49 -47.35 41.93
N ILE A 83 0.51 -46.82 41.18
CA ILE A 83 -0.73 -46.30 41.78
C ILE A 83 -1.98 -46.94 41.16
N PRO A 84 -2.60 -47.90 41.87
CA PRO A 84 -3.76 -48.65 41.38
C PRO A 84 -5.03 -47.80 41.21
N GLU A 85 -5.32 -46.89 42.15
CA GLU A 85 -6.48 -46.02 42.04
C GLU A 85 -6.43 -45.22 40.73
N LEU A 86 -5.24 -44.71 40.40
CA LEU A 86 -5.02 -44.02 39.15
C LEU A 86 -5.30 -44.94 37.94
N ASP A 87 -4.64 -46.09 37.87
CA ASP A 87 -4.91 -47.04 36.78
C ASP A 87 -6.42 -47.29 36.60
N GLU A 88 -7.10 -47.63 37.70
CA GLU A 88 -8.54 -47.86 37.71
C GLU A 88 -9.34 -46.64 37.26
N ALA A 89 -9.04 -45.50 37.86
CA ALA A 89 -9.72 -44.24 37.55
C ALA A 89 -9.50 -43.78 36.11
N LEU A 90 -8.32 -44.09 35.54
CA LEU A 90 -8.02 -43.76 34.15
C LEU A 90 -8.77 -44.70 33.19
N ASN A 91 -8.80 -45.98 33.55
CA ASN A 91 -9.54 -46.99 32.81
C ASN A 91 -9.09 -47.14 31.36
N GLY A 92 -7.81 -47.46 31.17
CA GLY A 92 -7.25 -47.73 29.83
C GLY A 92 -6.46 -46.61 29.19
N THR A 93 -6.82 -45.36 29.47
CA THR A 93 -6.07 -44.25 28.89
C THR A 93 -4.90 -43.87 29.80
N THR A 94 -3.78 -43.52 29.16
CA THR A 94 -2.51 -43.43 29.88
C THR A 94 -1.55 -42.39 29.23
N ALA A 95 -0.55 -41.94 29.98
CA ALA A 95 0.45 -41.01 29.43
C ALA A 95 1.72 -41.76 29.03
N GLU A 96 1.71 -43.07 29.29
CA GLU A 96 2.82 -43.99 29.07
C GLU A 96 3.62 -43.69 27.81
N ASN A 97 2.92 -43.50 26.70
CA ASN A 97 3.58 -43.35 25.40
C ASN A 97 3.58 -41.92 24.86
N LEU A 98 3.31 -40.93 25.70
CA LEU A 98 3.40 -39.54 25.22
C LEU A 98 4.81 -38.99 25.36
N LYS A 99 5.14 -37.97 24.58
CA LYS A 99 6.42 -37.29 24.74
C LYS A 99 6.54 -36.64 26.13
N GLU A 100 7.76 -36.19 26.48
CA GLU A 100 8.02 -35.50 27.73
C GLU A 100 7.08 -34.32 27.88
N GLU A 101 6.67 -34.03 29.11
CA GLU A 101 5.69 -32.97 29.43
C GLU A 101 4.23 -33.35 29.07
N GLY A 102 4.03 -34.52 28.46
CA GLY A 102 2.71 -35.03 28.16
C GLY A 102 1.98 -35.52 29.40
N TYR A 103 0.64 -35.52 29.34
CA TYR A 103 -0.19 -36.02 30.43
C TYR A 103 -1.53 -36.58 29.94
N ALA A 104 -2.17 -37.36 30.80
CA ALA A 104 -3.50 -37.89 30.57
C ALA A 104 -4.39 -37.36 31.70
N LEU A 105 -5.57 -36.87 31.33
CA LEU A 105 -6.56 -36.43 32.28
C LEU A 105 -7.91 -37.06 31.96
N VAL A 106 -8.52 -37.66 32.97
CA VAL A 106 -9.86 -38.18 32.83
C VAL A 106 -10.76 -37.72 33.99
N SER A 107 -11.85 -37.07 33.64
CA SER A 107 -12.88 -36.77 34.62
C SER A 107 -14.13 -37.59 34.28
N ASN A 108 -14.49 -38.50 35.18
CA ASN A 108 -15.67 -39.32 34.97
C ASN A 108 -16.30 -39.71 36.28
N ASP A 109 -17.60 -39.49 36.36
CA ASP A 109 -18.45 -40.02 37.42
C ASP A 109 -17.86 -39.82 38.83
N GLY A 110 -17.76 -38.57 39.25
CA GLY A 110 -17.20 -38.23 40.57
C GLY A 110 -15.71 -38.52 40.79
N LYS A 111 -15.00 -38.85 39.72
CA LYS A 111 -13.54 -39.04 39.78
C LYS A 111 -12.80 -38.15 38.76
N ILE A 112 -11.71 -37.51 39.20
CA ILE A 112 -10.73 -36.89 38.31
C ILE A 112 -9.38 -37.56 38.47
N ALA A 113 -8.82 -38.03 37.35
CA ALA A 113 -7.50 -38.64 37.35
C ALA A 113 -6.54 -37.84 36.44
N ILE A 114 -5.43 -37.41 37.04
CA ILE A 114 -4.34 -36.75 36.34
C ILE A 114 -3.08 -37.64 36.36
N GLU A 115 -2.67 -38.12 35.19
CA GLU A 115 -1.41 -38.85 35.06
C GLU A 115 -0.40 -38.16 34.11
N GLY A 116 0.73 -37.75 34.67
CA GLY A 116 1.79 -37.16 33.84
C GLY A 116 2.74 -38.21 33.25
N LYS A 117 3.34 -37.91 32.11
CA LYS A 117 4.40 -38.74 31.55
C LYS A 117 5.64 -38.63 32.45
N ASP A 118 5.86 -37.40 32.93
CA ASP A 118 6.94 -37.04 33.83
C ASP A 118 6.37 -35.94 34.71
N GLY A 119 7.16 -35.40 35.63
CA GLY A 119 6.70 -34.36 36.55
C GLY A 119 6.18 -33.11 35.86
N ASP A 120 6.82 -32.72 34.75
CA ASP A 120 6.36 -31.55 33.99
C ASP A 120 4.94 -31.77 33.50
N GLY A 121 4.67 -32.97 32.97
CA GLY A 121 3.35 -33.38 32.52
C GLY A 121 2.27 -33.38 33.61
N THR A 122 2.62 -33.79 34.83
CA THR A 122 1.68 -33.74 35.95
C THR A 122 1.28 -32.28 36.28
N PHE A 123 2.29 -31.40 36.32
CA PHE A 123 2.08 -29.97 36.55
C PHE A 123 1.11 -29.42 35.49
N TYR A 124 1.33 -29.82 34.23
CA TYR A 124 0.54 -29.34 33.11
C TYR A 124 -0.89 -29.89 33.15
N GLY A 125 -1.01 -31.17 33.52
CA GLY A 125 -2.30 -31.77 33.86
C GLY A 125 -3.05 -30.93 34.90
N VAL A 126 -2.35 -30.48 35.93
CA VAL A 126 -2.99 -29.65 36.95
C VAL A 126 -3.47 -28.31 36.41
N GLN A 127 -2.71 -27.72 35.48
CA GLN A 127 -3.14 -26.48 34.83
C GLN A 127 -4.42 -26.69 34.01
N THR A 128 -4.52 -27.85 33.34
CA THR A 128 -5.71 -28.13 32.55
C THR A 128 -6.89 -28.35 33.50
N PHE A 129 -6.64 -29.08 34.59
CA PHE A 129 -7.64 -29.24 35.64
C PHE A 129 -8.19 -27.88 36.13
N LYS A 130 -7.28 -26.95 36.37
CA LYS A 130 -7.64 -25.61 36.81
C LYS A 130 -8.49 -24.89 35.79
N GLN A 131 -8.18 -25.03 34.51
CA GLN A 131 -8.97 -24.36 33.49
C GLN A 131 -10.33 -25.04 33.27
N LEU A 132 -10.41 -26.33 33.59
CA LEU A 132 -11.62 -27.13 33.40
C LEU A 132 -12.72 -26.91 34.44
N VAL A 133 -12.31 -26.53 35.66
CA VAL A 133 -13.25 -26.30 36.78
C VAL A 133 -13.87 -24.90 36.74
N LYS A 134 -15.21 -24.85 36.73
CA LYS A 134 -15.96 -23.60 36.79
C LYS A 134 -17.08 -23.72 37.85
N GLU A 135 -16.95 -22.95 38.93
CA GLU A 135 -17.94 -23.00 40.04
C GLU A 135 -18.24 -24.43 40.52
N SER A 136 -17.16 -25.16 40.83
CA SER A 136 -17.22 -26.57 41.25
C SER A 136 -17.73 -27.57 40.20
N ASN A 137 -18.23 -27.08 39.09
CA ASN A 137 -18.60 -27.97 38.01
C ASN A 137 -17.39 -28.31 37.12
N ILE A 138 -17.27 -29.59 36.79
CA ILE A 138 -16.24 -30.07 35.85
C ILE A 138 -16.89 -30.90 34.73
N PRO A 139 -16.51 -30.66 33.46
CA PRO A 139 -17.03 -31.57 32.45
C PRO A 139 -16.44 -32.97 32.60
N GLU A 140 -17.08 -33.94 31.96
CA GLU A 140 -16.55 -35.28 31.90
C GLU A 140 -15.77 -35.47 30.57
N VAL A 141 -14.45 -35.59 30.70
CA VAL A 141 -13.58 -35.71 29.56
C VAL A 141 -12.46 -36.74 29.72
N ASN A 142 -11.97 -37.15 28.57
CA ASN A 142 -10.83 -37.99 28.44
C ASN A 142 -9.87 -37.20 27.56
N ILE A 143 -8.75 -36.76 28.14
CA ILE A 143 -7.71 -35.94 27.45
C ILE A 143 -6.38 -36.66 27.47
N THR A 144 -5.73 -36.68 26.31
CA THR A 144 -4.29 -36.92 26.26
C THR A 144 -3.65 -35.69 25.64
N ASP A 145 -2.55 -35.26 26.23
CA ASP A 145 -1.99 -33.97 25.84
C ASP A 145 -0.47 -33.93 25.92
N TYR A 146 0.11 -33.14 25.02
CA TYR A 146 1.54 -32.96 24.89
C TYR A 146 1.84 -31.83 23.89
N PRO A 147 3.00 -31.18 24.03
CA PRO A 147 3.29 -30.02 23.15
C PRO A 147 3.81 -30.44 21.77
N THR A 148 3.57 -29.61 20.76
CA THR A 148 4.21 -29.78 19.44
C THR A 148 5.72 -29.55 19.60
N VAL A 149 6.06 -28.42 20.21
CA VAL A 149 7.44 -27.92 20.31
C VAL A 149 7.96 -28.04 21.76
N SER A 150 9.20 -28.48 21.93
CA SER A 150 9.66 -28.85 23.26
C SER A 150 10.05 -27.64 24.12
N ALA A 151 10.47 -26.56 23.47
CA ALA A 151 10.80 -25.31 24.16
C ALA A 151 9.89 -24.15 23.70
N ARG A 152 9.11 -23.61 24.65
CA ARG A 152 8.06 -22.63 24.37
C ARG A 152 8.13 -21.51 25.39
N GLY A 153 8.25 -20.26 24.98
CA GLY A 153 8.29 -19.17 25.96
C GLY A 153 8.58 -17.78 25.44
N ILE A 154 9.26 -17.01 26.28
CA ILE A 154 9.48 -15.57 26.09
C ILE A 154 10.98 -15.26 26.25
N VAL A 155 11.50 -14.45 25.32
CA VAL A 155 12.79 -13.79 25.50
C VAL A 155 12.57 -12.28 25.82
N GLU A 156 12.89 -11.89 27.05
CA GLU A 156 12.88 -10.45 27.38
C GLU A 156 14.12 -9.89 26.74
N GLY A 157 14.05 -9.56 25.44
CA GLY A 157 15.22 -9.12 24.64
C GLY A 157 15.11 -7.73 24.02
N PHE A 158 14.11 -6.96 24.46
CA PHE A 158 13.80 -5.68 23.86
C PHE A 158 14.65 -4.51 24.39
N TYR A 159 14.56 -3.37 23.69
CA TYR A 159 15.11 -2.11 24.18
C TYR A 159 14.04 -1.36 24.96
N GLY A 160 14.46 -0.53 25.91
CA GLY A 160 13.53 0.26 26.69
C GLY A 160 13.53 -0.24 28.10
N THR A 161 12.73 0.41 28.95
CA THR A 161 12.60 0.10 30.38
C THR A 161 12.37 -1.39 30.55
N PRO A 162 13.30 -2.10 31.22
CA PRO A 162 13.06 -3.53 31.47
C PRO A 162 11.86 -3.75 32.40
N TRP A 163 11.21 -4.90 32.24
CA TRP A 163 10.18 -5.33 33.18
C TRP A 163 10.64 -5.16 34.64
N THR A 164 9.75 -4.72 35.52
CA THR A 164 10.04 -4.71 36.98
C THR A 164 10.13 -6.14 37.52
N HIS A 165 10.76 -6.30 38.69
CA HIS A 165 10.80 -7.59 39.38
C HIS A 165 9.42 -8.22 39.62
N GLN A 166 8.49 -7.44 40.19
CA GLN A 166 7.09 -7.84 40.28
C GLN A 166 6.51 -8.31 38.92
N ASP A 167 6.78 -7.55 37.86
CA ASP A 167 6.33 -7.91 36.49
C ASP A 167 6.80 -9.32 36.12
N ARG A 168 8.10 -9.55 36.29
CA ARG A 168 8.72 -10.83 35.97
C ARG A 168 8.11 -12.02 36.70
N LEU A 169 7.83 -11.83 38.00
CA LEU A 169 7.29 -12.91 38.82
C LEU A 169 5.88 -13.25 38.41
N ASP A 170 5.10 -12.21 38.13
CA ASP A 170 3.74 -12.37 37.60
C ASP A 170 3.79 -13.08 36.24
N GLN A 171 4.70 -12.65 35.37
CA GLN A 171 4.90 -13.28 34.07
C GLN A 171 5.21 -14.76 34.21
N ILE A 172 6.15 -15.09 35.10
CA ILE A 172 6.53 -16.51 35.31
C ILE A 172 5.33 -17.40 35.68
N LYS A 173 4.50 -16.95 36.62
CA LYS A 173 3.32 -17.69 37.01
C LYS A 173 2.39 -17.81 35.84
N PHE A 174 2.29 -16.71 35.09
CA PHE A 174 1.46 -16.67 33.91
C PHE A 174 1.92 -17.68 32.83
N TYR A 175 3.22 -17.89 32.73
CA TYR A 175 3.81 -18.88 31.82
C TYR A 175 3.45 -20.30 32.22
N GLY A 176 3.64 -20.63 33.49
CA GLY A 176 3.24 -21.93 34.07
C GLY A 176 1.79 -22.33 33.79
N GLU A 177 0.87 -21.38 33.96
CA GLU A 177 -0.58 -21.61 33.75
C GLU A 177 -0.98 -21.88 32.30
N ASN A 178 -0.17 -21.39 31.36
CA ASN A 178 -0.41 -21.56 29.94
C ASN A 178 0.60 -22.47 29.29
N LYS A 179 1.39 -23.12 30.15
CA LYS A 179 2.25 -24.26 29.75
C LYS A 179 3.45 -23.84 28.90
N LEU A 180 3.92 -22.62 29.10
CA LEU A 180 5.16 -22.15 28.47
C LEU A 180 6.29 -22.47 29.43
N ASN A 181 7.39 -23.01 28.91
CA ASN A 181 8.44 -23.56 29.77
C ASN A 181 9.81 -22.87 29.63
N THR A 182 9.82 -21.69 29.02
CA THR A 182 11.07 -21.00 28.78
C THR A 182 10.95 -19.48 29.00
N TYR A 183 11.84 -18.98 29.86
CA TYR A 183 11.98 -17.54 30.08
C TYR A 183 13.43 -17.17 29.91
N ILE A 184 13.72 -16.40 28.87
CA ILE A 184 15.06 -15.92 28.62
C ILE A 184 15.21 -14.49 29.12
N TYR A 185 16.07 -14.33 30.12
CA TYR A 185 16.38 -13.02 30.73
C TYR A 185 17.49 -12.40 29.91
N ALA A 186 17.12 -11.40 29.09
CA ALA A 186 18.07 -10.72 28.20
C ALA A 186 17.69 -9.23 27.88
N PRO A 187 17.30 -8.45 28.90
CA PRO A 187 16.89 -7.11 28.47
C PRO A 187 18.09 -6.22 28.09
N LYS A 188 18.00 -5.62 26.91
CA LYS A 188 19.07 -4.83 26.32
C LYS A 188 19.60 -3.70 27.19
N ASP A 189 18.72 -3.11 27.99
CA ASP A 189 19.07 -1.92 28.79
C ASP A 189 19.27 -2.22 30.28
N ASP A 190 19.37 -3.50 30.63
CA ASP A 190 20.00 -3.88 31.89
C ASP A 190 21.50 -3.90 31.63
N PRO A 191 22.23 -2.98 32.28
CA PRO A 191 23.67 -2.85 32.04
C PRO A 191 24.46 -4.11 32.40
N TYR A 192 24.04 -4.84 33.44
CA TYR A 192 24.77 -6.03 33.86
C TYR A 192 24.61 -7.18 32.86
N HIS A 193 23.84 -6.92 31.80
CA HIS A 193 23.60 -7.90 30.77
C HIS A 193 24.34 -7.61 29.49
N ARG A 194 24.55 -6.33 29.23
CA ARG A 194 25.16 -5.86 28.02
C ARG A 194 26.19 -4.77 28.35
N GLU A 195 25.73 -3.55 28.67
CA GLU A 195 26.64 -2.39 28.71
C GLU A 195 27.81 -2.49 29.69
N LYS A 196 27.60 -3.13 30.84
CA LYS A 196 28.67 -3.45 31.79
C LYS A 196 28.66 -4.97 32.00
N TRP A 197 28.70 -5.74 30.92
CA TRP A 197 28.45 -7.19 30.96
C TRP A 197 29.41 -7.99 31.85
N ARG A 198 30.52 -7.36 32.22
CA ARG A 198 31.60 -8.00 32.97
C ARG A 198 31.36 -8.01 34.48
N GLU A 199 30.69 -6.97 35.00
CA GLU A 199 30.59 -6.88 36.46
C GLU A 199 29.42 -7.62 37.08
N PRO A 200 29.64 -8.24 38.26
CA PRO A 200 28.59 -9.11 38.81
C PRO A 200 27.42 -8.28 39.31
N TYR A 201 26.31 -8.94 39.63
CA TYR A 201 25.17 -8.20 40.15
C TYR A 201 25.42 -7.81 41.63
N PRO A 202 24.96 -6.62 42.03
CA PRO A 202 25.08 -6.20 43.43
C PRO A 202 24.35 -7.20 44.35
N GLU A 203 24.85 -7.35 45.58
CA GLU A 203 24.36 -8.35 46.52
C GLU A 203 22.93 -8.12 47.02
N SER A 204 22.05 -7.66 46.12
CA SER A 204 20.60 -7.53 46.37
C SER A 204 19.76 -7.66 45.08
N GLU A 205 20.37 -7.31 43.95
CA GLU A 205 19.81 -7.66 42.65
C GLU A 205 19.91 -9.18 42.52
N MET A 206 20.89 -9.74 43.23
CA MET A 206 21.10 -11.18 43.37
C MET A 206 19.94 -11.85 44.12
N GLN A 207 19.51 -11.24 45.22
CA GLN A 207 18.32 -11.70 45.94
C GLN A 207 17.06 -11.76 45.03
N ARG A 208 16.94 -10.76 44.16
CA ARG A 208 15.86 -10.73 43.19
C ARG A 208 16.03 -11.84 42.14
N MET A 209 17.27 -12.13 41.79
CA MET A 209 17.59 -13.24 40.88
C MET A 209 17.19 -14.60 41.45
N GLN A 210 17.50 -14.79 42.72
CA GLN A 210 17.10 -15.98 43.46
C GLN A 210 15.59 -16.24 43.40
N GLU A 211 14.78 -15.17 43.53
CA GLU A 211 13.32 -15.28 43.44
C GLU A 211 12.87 -15.65 42.05
N LEU A 212 13.46 -15.02 41.03
CA LEU A 212 13.17 -15.38 39.63
C LEU A 212 13.47 -16.84 39.41
N ILE A 213 14.64 -17.27 39.87
CA ILE A 213 15.06 -18.65 39.72
C ILE A 213 14.04 -19.56 40.41
N ASN A 214 13.73 -19.27 41.67
CA ASN A 214 12.76 -20.07 42.43
C ASN A 214 11.39 -20.14 41.76
N ALA A 215 10.83 -18.99 41.38
CA ALA A 215 9.51 -18.95 40.77
C ALA A 215 9.46 -19.78 39.48
N SER A 216 10.54 -19.73 38.70
CA SER A 216 10.66 -20.48 37.45
C SER A 216 10.68 -21.99 37.73
N ALA A 217 11.40 -22.40 38.77
CA ALA A 217 11.39 -23.82 39.20
C ALA A 217 9.98 -24.29 39.57
N GLU A 218 9.28 -23.50 40.39
CA GLU A 218 7.90 -23.80 40.80
C GLU A 218 6.89 -23.91 39.65
N ASN A 219 7.22 -23.31 38.51
CA ASN A 219 6.34 -23.26 37.34
C ASN A 219 6.83 -23.98 36.10
N LYS A 220 7.82 -24.86 36.27
CA LYS A 220 8.35 -25.72 35.21
C LYS A 220 8.93 -24.94 34.02
N VAL A 221 9.45 -23.76 34.32
CA VAL A 221 9.99 -22.86 33.32
C VAL A 221 11.50 -22.90 33.47
N ASP A 222 12.20 -23.08 32.34
CA ASP A 222 13.65 -22.95 32.31
C ASP A 222 14.04 -21.48 32.31
N PHE A 223 14.73 -21.06 33.36
CA PHE A 223 15.20 -19.70 33.46
C PHE A 223 16.50 -19.61 32.70
N VAL A 224 16.52 -18.87 31.61
CA VAL A 224 17.72 -18.80 30.79
C VAL A 224 18.41 -17.46 31.01
N PHE A 225 19.67 -17.51 31.42
CA PHE A 225 20.42 -16.29 31.63
C PHE A 225 21.19 -15.89 30.38
N GLY A 226 20.82 -14.77 29.77
CA GLY A 226 21.50 -14.29 28.56
C GLY A 226 22.61 -13.27 28.81
N ILE A 227 23.71 -13.41 28.10
CA ILE A 227 24.79 -12.41 28.16
C ILE A 227 25.13 -11.96 26.73
N SER A 228 25.36 -10.67 26.58
CA SER A 228 25.65 -10.05 25.28
C SER A 228 26.95 -9.24 25.42
N PRO A 229 28.12 -9.90 25.27
CA PRO A 229 29.46 -9.30 25.42
C PRO A 229 29.96 -8.50 24.20
N GLY A 230 29.12 -8.45 23.15
CA GLY A 230 29.50 -8.03 21.81
C GLY A 230 30.16 -6.67 21.66
N ILE A 231 29.73 -5.71 22.47
CA ILE A 231 30.15 -4.32 22.31
C ILE A 231 31.66 -4.12 22.45
N ASP A 232 32.23 -4.67 23.52
CA ASP A 232 33.64 -4.45 23.81
C ASP A 232 34.46 -5.73 24.10
N ILE A 233 33.89 -6.92 23.91
CA ILE A 233 34.68 -8.12 24.15
C ILE A 233 35.91 -8.20 23.25
N ARG A 234 36.98 -8.72 23.81
CA ARG A 234 38.19 -8.97 23.05
C ARG A 234 38.39 -10.48 22.90
N PHE A 235 39.06 -10.85 21.81
CA PHE A 235 39.29 -12.26 21.48
C PHE A 235 40.78 -12.58 21.47
N ASP A 236 41.58 -11.65 20.95
CA ASP A 236 43.01 -11.89 20.72
C ASP A 236 43.86 -11.78 22.00
N GLY A 237 44.88 -12.65 22.10
CA GLY A 237 45.86 -12.59 23.19
C GLY A 237 45.28 -12.69 24.59
N ASP A 238 46.03 -12.18 25.57
CA ASP A 238 45.66 -12.22 26.99
C ASP A 238 44.43 -11.38 27.35
N ALA A 239 44.16 -10.34 26.54
CA ALA A 239 42.91 -9.57 26.62
C ALA A 239 41.75 -10.52 26.45
N GLY A 240 41.80 -11.29 25.36
CA GLY A 240 40.81 -12.31 25.04
C GLY A 240 40.62 -13.33 26.14
N GLU A 241 41.73 -13.70 26.78
CA GLU A 241 41.68 -14.65 27.89
C GLU A 241 40.97 -14.08 29.11
N GLU A 242 41.34 -12.87 29.52
CA GLU A 242 40.71 -12.22 30.67
C GLU A 242 39.23 -12.05 30.43
N ASP A 243 38.90 -11.51 29.25
CA ASP A 243 37.52 -11.38 28.82
C ASP A 243 36.78 -12.70 28.78
N PHE A 244 37.42 -13.77 28.30
CA PHE A 244 36.78 -15.07 28.35
C PHE A 244 36.48 -15.51 29.79
N ASN A 245 37.47 -15.36 30.66
CA ASN A 245 37.33 -15.65 32.09
C ASN A 245 36.14 -14.93 32.71
N HIS A 246 35.96 -13.67 32.32
CA HIS A 246 34.83 -12.86 32.78
C HIS A 246 33.48 -13.47 32.43
N LEU A 247 33.40 -14.19 31.32
CA LEU A 247 32.16 -14.89 30.96
C LEU A 247 31.88 -15.98 31.96
N ILE A 248 32.91 -16.80 32.18
CA ILE A 248 32.82 -17.96 33.07
C ILE A 248 32.44 -17.53 34.49
N THR A 249 33.14 -16.54 35.05
CA THR A 249 32.85 -16.09 36.41
C THR A 249 31.44 -15.51 36.54
N LYS A 250 31.03 -14.75 35.52
CA LYS A 250 29.67 -14.20 35.48
C LYS A 250 28.61 -15.30 35.33
N ALA A 251 28.92 -16.35 34.59
CA ALA A 251 27.98 -17.47 34.43
C ALA A 251 27.91 -18.35 35.68
N GLU A 252 29.07 -18.67 36.24
CA GLU A 252 29.15 -19.42 37.49
C GLU A 252 28.38 -18.71 38.62
N SER A 253 28.56 -17.39 38.74
CA SER A 253 27.84 -16.60 39.75
C SER A 253 26.34 -16.88 39.69
N LEU A 254 25.84 -17.15 38.49
CA LEU A 254 24.41 -17.46 38.28
C LEU A 254 24.08 -18.93 38.38
N TYR A 255 25.01 -19.76 37.94
CA TYR A 255 24.94 -21.20 38.15
C TYR A 255 24.85 -21.48 39.64
N ASP A 256 25.75 -20.86 40.41
CA ASP A 256 25.82 -21.00 41.87
C ASP A 256 24.49 -20.79 42.60
N MET A 257 23.60 -19.95 42.04
CA MET A 257 22.26 -19.84 42.64
C MET A 257 21.16 -20.61 41.93
N GLY A 258 21.56 -21.44 40.97
CA GLY A 258 20.66 -22.41 40.37
C GLY A 258 20.34 -22.22 38.91
N VAL A 259 21.03 -21.32 38.21
CA VAL A 259 20.76 -21.13 36.78
C VAL A 259 21.43 -22.25 36.01
N ARG A 260 20.61 -23.00 35.27
CA ARG A 260 21.05 -24.16 34.51
C ARG A 260 20.84 -24.01 32.99
N SER A 261 20.37 -22.85 32.55
CA SER A 261 20.32 -22.51 31.13
C SER A 261 20.97 -21.16 30.85
N PHE A 262 21.66 -21.04 29.71
CA PHE A 262 22.40 -19.80 29.40
C PHE A 262 22.37 -19.44 27.92
N ALA A 263 22.45 -18.13 27.65
CA ALA A 263 22.51 -17.65 26.27
C ALA A 263 23.62 -16.63 26.12
N ILE A 264 24.33 -16.70 24.99
CA ILE A 264 25.28 -15.66 24.61
C ILE A 264 24.85 -15.08 23.27
N TYR A 265 24.55 -13.79 23.25
CA TYR A 265 23.92 -13.16 22.09
C TYR A 265 24.83 -12.19 21.37
N TRP A 266 24.79 -12.22 20.04
CA TRP A 266 25.64 -11.35 19.22
C TRP A 266 24.83 -10.37 18.39
N ASP A 267 23.53 -10.27 18.66
CA ASP A 267 22.67 -9.47 17.84
C ASP A 267 22.97 -7.95 17.97
N ASP A 268 22.75 -7.22 16.89
CA ASP A 268 23.10 -5.80 16.80
C ASP A 268 24.39 -5.33 17.52
N ILE A 269 25.51 -5.89 17.04
CA ILE A 269 26.84 -5.32 17.14
C ILE A 269 27.39 -5.11 15.72
N GLN A 270 28.43 -4.28 15.62
CA GLN A 270 29.12 -4.03 14.37
C GLN A 270 30.09 -5.16 14.02
N ASP A 271 30.88 -5.59 15.01
CA ASP A 271 31.81 -6.70 14.78
C ASP A 271 31.17 -7.91 14.07
N LYS A 272 31.50 -8.07 12.79
CA LYS A 272 31.16 -9.30 12.07
C LYS A 272 32.36 -10.26 11.93
N SER A 273 32.87 -10.74 13.06
CA SER A 273 33.88 -11.79 13.03
C SER A 273 33.30 -13.12 13.48
N ALA A 274 32.72 -13.83 12.52
CA ALA A 274 32.05 -15.10 12.77
C ALA A 274 32.91 -16.14 13.51
N ALA A 275 34.16 -16.33 13.10
CA ALA A 275 35.03 -17.34 13.70
C ALA A 275 35.34 -17.03 15.16
N LYS A 276 35.70 -15.79 15.43
CA LYS A 276 35.80 -15.28 16.80
C LYS A 276 34.56 -15.53 17.66
N HIS A 277 33.36 -15.23 17.13
CA HIS A 277 32.14 -15.34 17.94
C HIS A 277 31.89 -16.77 18.33
N ALA A 278 32.04 -17.66 17.37
CA ALA A 278 31.68 -19.06 17.52
C ALA A 278 32.71 -19.79 18.38
N GLN A 279 33.97 -19.38 18.33
CA GLN A 279 34.98 -20.06 19.13
C GLN A 279 34.80 -19.72 20.61
N VAL A 280 34.39 -18.48 20.89
CA VAL A 280 33.91 -18.08 22.22
C VAL A 280 32.77 -19.01 22.65
N LEU A 281 31.78 -19.18 21.78
CA LEU A 281 30.67 -20.11 22.07
C LEU A 281 31.12 -21.57 22.28
N ASN A 282 32.05 -22.04 21.45
CA ASN A 282 32.56 -23.42 21.56
C ASN A 282 33.44 -23.61 22.80
N ARG A 283 34.19 -22.57 23.15
CA ARG A 283 34.97 -22.55 24.37
C ARG A 283 34.08 -22.64 25.61
N PHE A 284 33.06 -21.80 25.64
CA PHE A 284 32.09 -21.81 26.74
C PHE A 284 31.32 -23.14 26.82
N ASN A 285 30.89 -23.64 25.66
CA ASN A 285 30.18 -24.92 25.60
C ASN A 285 31.02 -26.07 26.15
N GLU A 286 32.33 -25.98 25.96
CA GLU A 286 33.24 -27.03 26.38
C GLU A 286 33.65 -26.92 27.86
N GLU A 287 34.12 -25.73 28.24
CA GLU A 287 34.65 -25.49 29.58
C GLU A 287 33.57 -25.12 30.60
N PHE A 288 32.36 -24.80 30.12
CA PHE A 288 31.25 -24.56 31.03
C PHE A 288 30.07 -25.53 30.94
N VAL A 289 29.42 -25.63 29.77
CA VAL A 289 28.21 -26.47 29.61
C VAL A 289 28.49 -27.98 29.84
N LYS A 290 29.48 -28.52 29.10
CA LYS A 290 29.81 -29.95 29.18
C LYS A 290 30.47 -30.29 30.53
N ALA A 291 31.26 -29.35 31.04
CA ALA A 291 32.03 -29.55 32.27
C ALA A 291 31.14 -29.64 33.50
N LYS A 292 30.01 -28.94 33.45
CA LYS A 292 29.07 -28.91 34.56
C LYS A 292 28.07 -30.10 34.55
N GLY A 293 27.75 -30.59 33.35
CA GLY A 293 27.02 -31.85 33.20
C GLY A 293 25.51 -31.74 33.30
N ASP A 294 25.02 -30.69 33.97
CA ASP A 294 23.59 -30.50 34.20
C ASP A 294 23.08 -29.15 33.67
N VAL A 295 23.83 -28.55 32.76
CA VAL A 295 23.39 -27.33 32.07
C VAL A 295 22.77 -27.68 30.69
N LYS A 296 21.65 -27.07 30.37
CA LYS A 296 20.96 -27.34 29.12
C LYS A 296 21.78 -26.84 27.88
N PRO A 297 21.41 -27.26 26.66
CA PRO A 297 22.13 -26.76 25.46
C PRO A 297 22.31 -25.22 25.42
N LEU A 298 23.54 -24.79 25.12
CA LEU A 298 23.87 -23.39 25.02
C LEU A 298 23.09 -22.76 23.86
N ILE A 299 22.57 -21.57 24.11
CA ILE A 299 21.79 -20.81 23.16
C ILE A 299 22.55 -19.53 22.73
N THR A 300 22.38 -19.18 21.45
CA THR A 300 23.01 -18.01 20.84
C THR A 300 22.11 -17.41 19.73
N VAL A 301 22.48 -16.20 19.32
CA VAL A 301 21.95 -15.56 18.14
C VAL A 301 23.14 -14.85 17.45
N PRO A 302 23.33 -15.09 16.13
CA PRO A 302 24.53 -14.54 15.49
C PRO A 302 24.34 -13.07 15.05
N THR A 303 25.42 -12.42 14.67
CA THR A 303 25.29 -11.06 14.21
C THR A 303 24.33 -10.96 13.02
N GLU A 304 24.35 -11.96 12.14
CA GLU A 304 23.32 -12.12 11.11
C GLU A 304 22.25 -13.07 11.65
N TYR A 305 21.03 -12.55 11.83
CA TYR A 305 19.98 -13.32 12.51
C TYR A 305 18.62 -13.29 11.79
N ASP A 306 18.59 -12.65 10.63
CA ASP A 306 17.38 -12.73 9.82
C ASP A 306 17.83 -13.14 8.42
N THR A 307 16.92 -13.76 7.69
CA THR A 307 17.25 -14.37 6.42
C THR A 307 17.82 -13.36 5.42
N GLY A 308 17.26 -12.15 5.40
CA GLY A 308 17.83 -11.06 4.60
C GLY A 308 19.29 -10.76 4.94
N ALA A 309 19.65 -10.89 6.21
CA ALA A 309 21.01 -10.60 6.64
C ALA A 309 21.92 -11.81 6.54
N MET A 310 21.32 -13.00 6.49
CA MET A 310 22.07 -14.27 6.58
C MET A 310 22.34 -14.91 5.24
N VAL A 311 21.51 -14.56 4.26
CA VAL A 311 21.47 -15.29 2.99
C VAL A 311 21.51 -14.36 1.78
N SER A 312 22.20 -14.83 0.75
CA SER A 312 22.25 -14.18 -0.55
C SER A 312 21.99 -15.22 -1.63
N ASN A 313 20.87 -15.03 -2.35
CA ASN A 313 20.41 -15.93 -3.43
C ASN A 313 20.53 -17.43 -3.07
N GLY A 314 19.82 -17.81 -2.00
CA GLY A 314 19.74 -19.22 -1.58
C GLY A 314 21.01 -19.78 -0.95
N GLN A 315 21.99 -18.91 -0.72
CA GLN A 315 23.26 -19.33 -0.12
C GLN A 315 23.62 -18.48 1.11
N PRO A 316 24.35 -19.06 2.08
CA PRO A 316 24.71 -18.26 3.25
C PRO A 316 25.69 -17.13 2.90
N ARG A 317 25.55 -15.99 3.56
CA ARG A 317 26.56 -14.95 3.43
C ARG A 317 27.87 -15.38 4.13
N ALA A 318 28.93 -14.57 3.97
CA ALA A 318 30.27 -14.93 4.44
C ALA A 318 30.31 -15.18 5.95
N TYR A 319 29.77 -14.24 6.74
CA TYR A 319 29.67 -14.37 8.20
C TYR A 319 28.88 -15.63 8.58
N THR A 320 27.66 -15.72 8.06
CA THR A 320 26.78 -16.87 8.29
C THR A 320 27.42 -18.18 7.93
N ARG A 321 28.16 -18.21 6.82
CA ARG A 321 28.84 -19.42 6.38
C ARG A 321 29.86 -19.87 7.41
N ILE A 322 30.71 -18.96 7.86
CA ILE A 322 31.79 -19.31 8.81
C ILE A 322 31.17 -19.71 10.18
N PHE A 323 30.13 -18.99 10.60
CA PHE A 323 29.43 -19.25 11.86
C PHE A 323 28.82 -20.66 11.85
N ALA A 324 27.99 -20.96 10.83
CA ALA A 324 27.39 -22.27 10.65
C ALA A 324 28.43 -23.38 10.67
N GLU A 325 29.53 -23.16 9.99
CA GLU A 325 30.50 -24.21 9.85
C GLU A 325 31.40 -24.32 11.09
N THR A 326 31.39 -23.33 11.95
CA THR A 326 32.28 -23.35 13.11
C THR A 326 31.54 -23.78 14.38
N VAL A 327 30.30 -23.35 14.54
CA VAL A 327 29.57 -23.50 15.82
C VAL A 327 29.19 -24.97 16.09
N ASP A 328 29.37 -25.42 17.34
CA ASP A 328 29.11 -26.81 17.75
C ASP A 328 27.67 -27.21 17.53
N PRO A 329 27.40 -28.41 16.96
CA PRO A 329 26.04 -28.93 16.71
C PRO A 329 25.06 -28.92 17.89
N SER A 330 25.60 -29.04 19.10
CA SER A 330 24.84 -28.95 20.36
C SER A 330 24.31 -27.55 20.67
N ILE A 331 24.93 -26.54 20.05
CA ILE A 331 24.50 -25.15 20.29
C ILE A 331 23.20 -24.80 19.55
N GLU A 332 22.25 -24.19 20.27
CA GLU A 332 20.96 -23.77 19.67
C GLU A 332 21.05 -22.36 19.16
N VAL A 333 20.74 -22.21 17.86
CA VAL A 333 20.88 -20.96 17.13
C VAL A 333 19.50 -20.39 16.84
N MET A 334 19.31 -19.13 17.24
CA MET A 334 18.07 -18.44 17.01
C MET A 334 18.17 -17.64 15.69
N TRP A 335 17.05 -17.49 15.01
CA TRP A 335 16.90 -16.48 13.98
C TRP A 335 15.48 -15.91 14.11
N THR A 336 15.24 -14.77 13.48
CA THR A 336 13.96 -14.08 13.67
C THR A 336 12.95 -14.35 12.54
N GLY A 337 13.35 -15.14 11.55
CA GLY A 337 12.58 -15.24 10.31
C GLY A 337 13.21 -14.49 9.12
N PRO A 338 12.42 -14.28 8.06
CA PRO A 338 12.80 -13.62 6.80
C PRO A 338 13.32 -12.18 6.97
N GLY A 339 12.91 -11.53 8.06
CA GLY A 339 13.38 -10.19 8.46
C GLY A 339 13.35 -10.10 9.98
N VAL A 340 13.86 -8.99 10.51
CA VAL A 340 13.85 -8.76 11.97
C VAL A 340 12.41 -8.66 12.51
N VAL A 341 11.55 -7.89 11.82
CA VAL A 341 10.12 -7.83 12.10
C VAL A 341 9.45 -8.01 10.74
N THR A 342 8.87 -9.21 10.52
CA THR A 342 8.28 -9.59 9.23
C THR A 342 6.89 -10.16 9.35
N ASN A 343 6.21 -10.14 8.22
CA ASN A 343 4.90 -10.71 8.10
C ASN A 343 4.81 -12.16 8.50
N GLU A 344 5.77 -12.98 8.06
CA GLU A 344 5.62 -14.44 8.06
C GLU A 344 6.90 -15.18 8.30
N ILE A 345 6.78 -16.41 8.79
CA ILE A 345 7.81 -17.42 8.56
C ILE A 345 7.19 -18.59 7.84
N PRO A 346 7.36 -18.65 6.51
CA PRO A 346 6.90 -19.79 5.68
C PRO A 346 7.79 -20.97 5.94
N LEU A 347 7.24 -22.18 5.74
CA LEU A 347 7.95 -23.41 5.97
C LEU A 347 9.27 -23.36 5.23
N SER A 348 9.24 -22.78 4.03
CA SER A 348 10.42 -22.67 3.18
C SER A 348 11.57 -21.84 3.79
N ASP A 349 11.25 -20.84 4.61
CA ASP A 349 12.28 -20.06 5.33
C ASP A 349 12.97 -20.88 6.43
N ALA A 350 12.21 -21.63 7.22
CA ALA A 350 12.84 -22.49 8.22
C ALA A 350 13.68 -23.58 7.54
N GLN A 351 13.12 -24.19 6.49
CA GLN A 351 13.84 -25.22 5.73
C GLN A 351 15.20 -24.68 5.29
N LEU A 352 15.19 -23.50 4.67
CA LEU A 352 16.41 -22.84 4.23
C LEU A 352 17.47 -22.66 5.35
N ILE A 353 17.06 -22.04 6.45
CA ILE A 353 18.00 -21.67 7.52
C ILE A 353 18.51 -22.88 8.28
N SER A 354 17.57 -23.77 8.60
CA SER A 354 17.84 -25.07 9.21
C SER A 354 18.79 -25.90 8.34
N GLY A 355 18.66 -25.75 7.02
CA GLY A 355 19.53 -26.47 6.08
C GLY A 355 20.93 -25.88 6.19
N ILE A 356 21.00 -24.57 6.32
CA ILE A 356 22.29 -23.91 6.47
C ILE A 356 22.99 -24.32 7.77
N TYR A 357 22.25 -24.35 8.88
CA TYR A 357 22.87 -24.69 10.15
C TYR A 357 22.94 -26.18 10.39
N ASN A 358 22.31 -26.95 9.51
CA ASN A 358 22.21 -28.42 9.63
C ASN A 358 21.56 -28.85 10.94
N ARG A 359 20.56 -28.10 11.40
CA ARG A 359 19.80 -28.53 12.58
C ARG A 359 18.47 -27.88 12.76
N ASN A 360 17.76 -28.34 13.79
CA ASN A 360 16.57 -27.65 14.24
C ASN A 360 16.95 -26.30 14.78
N MET A 361 16.19 -25.31 14.37
CA MET A 361 16.49 -23.92 14.71
C MET A 361 15.64 -23.47 15.89
N ALA A 362 16.05 -22.35 16.49
CA ALA A 362 15.28 -21.62 17.48
C ALA A 362 14.74 -20.36 16.84
N VAL A 363 13.52 -19.98 17.21
CA VAL A 363 12.94 -18.74 16.73
C VAL A 363 12.94 -17.69 17.82
N TRP A 364 13.42 -16.51 17.47
CA TRP A 364 13.26 -15.31 18.25
C TRP A 364 12.24 -14.49 17.48
N TRP A 365 10.99 -14.53 17.88
CA TRP A 365 9.91 -13.90 17.10
C TRP A 365 9.62 -12.50 17.61
N ASN A 366 9.86 -11.48 16.78
CA ASN A 366 9.70 -10.05 17.22
C ASN A 366 8.24 -9.51 17.17
N TYR A 367 7.37 -10.13 17.95
CA TYR A 367 6.00 -9.67 18.10
C TYR A 367 5.52 -10.39 19.37
N PRO A 368 4.98 -9.63 20.35
CA PRO A 368 4.49 -8.26 20.25
C PRO A 368 5.48 -7.11 20.55
N VAL A 369 6.79 -7.35 20.58
CA VAL A 369 7.69 -6.24 20.89
C VAL A 369 7.37 -4.94 20.11
N THR A 370 7.41 -3.80 20.79
CA THR A 370 7.12 -2.50 20.14
C THR A 370 8.28 -1.50 20.29
N ASP A 371 9.47 -1.96 20.64
CA ASP A 371 10.54 -1.03 21.01
C ASP A 371 10.93 -0.07 19.90
N TYR A 372 10.72 -0.48 18.66
CA TYR A 372 11.10 0.28 17.47
C TYR A 372 9.95 1.20 17.04
N PHE A 373 8.82 1.11 17.74
CA PHE A 373 7.62 1.87 17.35
C PHE A 373 6.60 1.88 18.51
N LYS A 374 6.98 2.59 19.57
CA LYS A 374 6.38 2.44 20.90
C LYS A 374 5.01 3.09 21.08
N GLY A 375 4.58 3.87 20.10
CA GLY A 375 3.28 4.54 20.17
C GLY A 375 2.12 3.54 20.05
N LYS A 376 2.35 2.48 19.30
CA LYS A 376 1.39 1.39 19.12
C LYS A 376 1.63 0.20 20.05
N LEU A 377 0.51 -0.33 20.56
CA LEU A 377 0.52 -1.55 21.36
C LEU A 377 0.23 -2.68 20.41
N ALA A 378 1.03 -3.74 20.48
CA ALA A 378 0.81 -4.94 19.68
C ALA A 378 -0.06 -5.96 20.47
N LEU A 379 -1.33 -5.99 20.11
CA LEU A 379 -2.35 -6.68 20.87
C LEU A 379 -3.03 -7.83 20.10
N GLY A 380 -2.44 -8.26 19.00
CA GLY A 380 -2.97 -9.37 18.19
C GLY A 380 -2.30 -10.72 18.47
N PRO A 381 -2.79 -11.80 17.80
CA PRO A 381 -2.27 -13.15 17.95
C PRO A 381 -1.03 -13.40 17.12
N MET A 382 -0.29 -14.45 17.47
CA MET A 382 0.70 -15.01 16.56
C MET A 382 0.03 -15.10 15.18
N HIS A 383 0.71 -14.56 14.18
CA HIS A 383 0.13 -14.48 12.86
C HIS A 383 1.25 -14.57 11.87
N GLY A 384 1.08 -15.40 10.84
CA GLY A 384 2.11 -15.56 9.81
C GLY A 384 3.05 -16.72 10.01
N LEU A 385 2.93 -17.43 11.12
CA LEU A 385 3.90 -18.52 11.42
C LEU A 385 3.32 -19.84 10.95
N ASP A 386 4.07 -20.47 10.06
CA ASP A 386 3.65 -21.69 9.42
C ASP A 386 3.17 -22.74 10.44
N LYS A 387 2.12 -23.46 10.10
CA LYS A 387 1.67 -24.44 11.08
C LYS A 387 2.42 -25.77 11.05
N GLY A 388 3.44 -25.85 10.20
CA GLY A 388 4.36 -26.99 10.19
C GLY A 388 5.78 -26.59 10.55
N LEU A 389 5.96 -25.45 11.21
CA LEU A 389 7.29 -24.98 11.56
C LEU A 389 8.08 -25.94 12.46
N ASN A 390 7.36 -26.75 13.23
CA ASN A 390 7.96 -27.73 14.11
C ASN A 390 8.84 -28.75 13.37
N GLN A 391 8.72 -28.81 12.04
CA GLN A 391 9.55 -29.71 11.24
C GLN A 391 11.01 -29.26 11.26
N TYR A 392 11.26 -27.96 11.44
CA TYR A 392 12.63 -27.42 11.44
C TYR A 392 13.01 -26.62 12.72
N VAL A 393 12.02 -26.44 13.60
CA VAL A 393 12.14 -25.63 14.84
C VAL A 393 11.69 -26.45 16.06
N ASP A 394 12.52 -26.56 17.10
CA ASP A 394 12.07 -27.17 18.39
C ASP A 394 12.18 -26.21 19.59
N PHE A 395 12.15 -24.90 19.31
CA PHE A 395 12.43 -23.85 20.29
C PHE A 395 11.74 -22.59 19.78
N PHE A 396 10.66 -22.20 20.44
CA PHE A 396 9.90 -21.05 20.01
C PHE A 396 9.74 -20.04 21.15
N THR A 397 10.35 -18.87 20.96
CA THR A 397 10.14 -17.76 21.90
C THR A 397 9.61 -16.54 21.19
N VAL A 398 8.89 -15.71 21.95
CA VAL A 398 8.51 -14.35 21.53
C VAL A 398 9.20 -13.28 22.37
N ASN A 399 9.52 -12.18 21.73
CA ASN A 399 10.08 -10.99 22.31
C ASN A 399 8.90 -10.08 22.51
N PRO A 400 8.55 -9.80 23.77
CA PRO A 400 7.32 -9.11 24.15
C PRO A 400 7.47 -7.57 24.20
N MET A 401 6.42 -6.86 24.59
CA MET A 401 6.55 -5.40 24.79
C MET A 401 7.12 -5.09 26.17
N GLU A 402 7.64 -3.86 26.32
CA GLU A 402 7.99 -3.36 27.64
C GLU A 402 6.76 -3.25 28.55
N HIS A 403 5.57 -3.38 27.94
CA HIS A 403 4.32 -3.43 28.66
C HIS A 403 4.00 -4.89 28.94
N ALA A 404 4.33 -5.33 30.16
CA ALA A 404 4.21 -6.73 30.59
C ALA A 404 2.74 -7.19 30.57
N GLU A 405 1.85 -6.34 31.05
CA GLU A 405 0.47 -6.76 31.25
C GLU A 405 -0.23 -7.00 29.92
N LEU A 406 -0.14 -6.03 29.01
CA LEU A 406 -0.83 -6.17 27.72
C LEU A 406 -0.17 -7.18 26.77
N SER A 407 1.10 -7.49 27.02
CA SER A 407 1.81 -8.55 26.29
C SER A 407 1.16 -9.92 26.47
N LYS A 408 0.44 -10.10 27.58
CA LYS A 408 -0.22 -11.37 27.89
C LYS A 408 -1.13 -11.84 26.79
N ILE A 409 -1.87 -10.92 26.16
CA ILE A 409 -2.78 -11.28 25.07
C ILE A 409 -2.07 -12.07 23.96
N SER A 410 -0.97 -11.53 23.44
CA SER A 410 -0.23 -12.15 22.32
C SER A 410 0.55 -13.39 22.80
N ILE A 411 1.16 -13.25 23.98
CA ILE A 411 1.77 -14.40 24.66
C ILE A 411 0.80 -15.59 24.84
N HIS A 412 -0.41 -15.29 25.28
CA HIS A 412 -1.45 -16.30 25.48
C HIS A 412 -1.62 -17.10 24.19
N THR A 413 -1.72 -16.40 23.06
CA THR A 413 -1.88 -17.07 21.77
C THR A 413 -0.61 -17.82 21.33
N ALA A 414 0.57 -17.29 21.68
CA ALA A 414 1.84 -17.98 21.36
C ALA A 414 1.94 -19.32 22.06
N ALA A 415 1.31 -19.41 23.22
CA ALA A 415 1.29 -20.63 24.02
C ALA A 415 0.44 -21.69 23.34
N ASP A 416 -0.63 -21.28 22.67
CA ASP A 416 -1.48 -22.23 21.98
C ASP A 416 -0.83 -22.64 20.65
N TYR A 417 -0.30 -21.67 19.91
CA TYR A 417 0.43 -21.98 18.68
C TYR A 417 1.52 -23.03 18.90
N SER A 418 2.31 -22.87 19.95
CA SER A 418 3.50 -23.71 20.07
C SER A 418 3.21 -25.04 20.76
N TRP A 419 2.19 -25.09 21.62
CA TRP A 419 1.78 -26.35 22.23
C TRP A 419 0.95 -27.19 21.25
N ASN A 420 0.01 -26.54 20.57
CA ASN A 420 -0.83 -27.25 19.60
C ASN A 420 -0.83 -26.54 18.25
N MET A 421 0.27 -26.73 17.51
CA MET A 421 0.52 -25.99 16.27
C MET A 421 -0.45 -26.33 15.12
N ASP A 422 -0.78 -27.60 14.97
CA ASP A 422 -1.52 -27.99 13.79
C ASP A 422 -2.97 -27.53 13.84
N ASN A 423 -3.50 -27.38 15.05
CA ASN A 423 -4.87 -26.94 15.20
C ASN A 423 -4.99 -25.41 15.45
N TYR A 424 -3.85 -24.72 15.50
CA TYR A 424 -3.84 -23.30 15.83
C TYR A 424 -4.69 -22.42 14.89
N ASP A 425 -5.66 -21.72 15.48
CA ASP A 425 -6.53 -20.82 14.72
C ASP A 425 -6.34 -19.46 15.35
N TYR A 426 -5.68 -18.55 14.63
CA TYR A 426 -5.31 -17.26 15.23
C TYR A 426 -6.51 -16.44 15.70
N ASP A 427 -7.58 -16.43 14.92
CA ASP A 427 -8.78 -15.68 15.30
C ASP A 427 -9.40 -16.22 16.58
N LYS A 428 -9.53 -17.54 16.64
CA LYS A 428 -10.13 -18.22 17.79
C LYS A 428 -9.24 -18.10 19.01
N ALA A 429 -7.93 -18.25 18.81
CA ALA A 429 -6.95 -18.10 19.88
C ALA A 429 -6.98 -16.69 20.44
N TRP A 430 -7.05 -15.71 19.54
CA TRP A 430 -7.06 -14.29 19.94
C TRP A 430 -8.30 -13.97 20.79
N ASN A 431 -9.46 -14.47 20.35
CA ASN A 431 -10.71 -14.31 21.10
C ASN A 431 -10.64 -14.97 22.48
N ARG A 432 -10.12 -16.18 22.52
CA ARG A 432 -9.90 -16.95 23.75
C ARG A 432 -8.97 -16.18 24.72
N ALA A 433 -7.85 -15.68 24.23
CA ALA A 433 -6.91 -14.89 25.04
C ALA A 433 -7.63 -13.80 25.81
N ILE A 434 -8.39 -12.97 25.09
CA ILE A 434 -9.06 -11.82 25.69
C ILE A 434 -10.21 -12.29 26.59
N ASP A 435 -11.00 -13.27 26.14
CA ASP A 435 -12.01 -13.88 27.03
C ASP A 435 -11.44 -14.37 28.36
N MET A 436 -10.36 -15.14 28.30
CA MET A 436 -9.78 -15.76 29.46
C MET A 436 -9.02 -14.73 30.33
N LEU A 437 -8.59 -13.62 29.72
CA LEU A 437 -7.85 -12.61 30.48
C LEU A 437 -8.73 -11.51 31.08
N TYR A 438 -9.84 -11.18 30.43
CA TYR A 438 -10.52 -9.93 30.75
C TYR A 438 -11.91 -10.09 31.36
N GLY A 439 -12.49 -11.28 31.25
CA GLY A 439 -13.74 -11.61 31.93
C GLY A 439 -14.92 -10.76 31.50
N ASP A 440 -15.53 -10.07 32.47
CA ASP A 440 -16.61 -9.11 32.21
C ASP A 440 -16.26 -8.05 31.16
N LEU A 441 -14.98 -7.68 31.08
CA LEU A 441 -14.55 -6.59 30.19
C LEU A 441 -14.15 -7.08 28.80
N ALA A 442 -14.27 -8.37 28.55
CA ALA A 442 -13.67 -9.00 27.36
C ALA A 442 -14.24 -8.42 26.08
N GLU A 443 -15.55 -8.21 26.01
CA GLU A 443 -16.16 -7.68 24.81
C GLU A 443 -15.72 -6.24 24.52
N ASP A 444 -15.68 -5.39 25.54
CA ASP A 444 -15.10 -4.06 25.36
C ASP A 444 -13.62 -4.11 24.98
N MET A 445 -12.86 -5.00 25.62
CA MET A 445 -11.45 -5.13 25.29
C MET A 445 -11.20 -5.61 23.85
N LYS A 446 -12.03 -6.53 23.38
CA LYS A 446 -11.92 -6.96 21.97
C LYS A 446 -12.12 -5.81 21.00
N VAL A 447 -13.07 -4.92 21.28
CA VAL A 447 -13.37 -3.79 20.39
C VAL A 447 -12.11 -2.92 20.17
N PHE A 448 -11.44 -2.57 21.26
CA PHE A 448 -10.24 -1.75 21.27
C PHE A 448 -9.00 -2.52 20.74
N ALA A 449 -8.67 -3.67 21.35
CA ALA A 449 -7.48 -4.45 20.91
C ALA A 449 -7.57 -4.82 19.43
N ASN A 450 -8.80 -5.06 18.93
CA ASN A 450 -9.05 -5.35 17.50
C ASN A 450 -8.40 -4.34 16.53
N HIS A 451 -8.34 -3.08 16.98
CA HIS A 451 -7.84 -1.96 16.20
C HIS A 451 -6.34 -1.81 16.34
N SER A 452 -5.70 -2.75 17.05
CA SER A 452 -4.32 -2.56 17.50
C SER A 452 -3.53 -3.86 17.40
N THR A 453 -3.54 -4.46 16.20
CA THR A 453 -2.88 -5.75 16.01
C THR A 453 -1.73 -5.65 15.01
N ARG A 454 -1.85 -4.74 14.05
CA ARG A 454 -0.88 -4.64 12.95
C ARG A 454 0.26 -3.65 13.28
N MET A 455 1.49 -4.17 13.29
CA MET A 455 2.64 -3.33 13.55
C MET A 455 3.30 -2.92 12.23
N ASP A 456 3.61 -1.64 12.10
CA ASP A 456 4.16 -1.14 10.86
C ASP A 456 4.87 0.18 11.10
N ASN A 457 6.21 0.19 10.98
CA ASN A 457 6.97 1.43 11.19
C ASN A 457 7.24 2.23 9.89
N LYS A 458 6.57 1.81 8.82
CA LYS A 458 6.60 2.50 7.52
C LYS A 458 7.87 2.24 6.74
N THR A 459 8.79 1.46 7.35
CA THR A 459 10.03 1.14 6.66
C THR A 459 10.32 -0.34 6.79
N TRP A 460 11.26 -0.72 7.66
CA TRP A 460 11.75 -2.13 7.74
C TRP A 460 10.87 -3.09 8.55
N ALA A 461 9.99 -2.55 9.42
CA ALA A 461 9.26 -3.40 10.36
C ALA A 461 7.75 -3.49 10.07
N LYS A 462 7.29 -4.67 9.67
CA LYS A 462 5.87 -4.95 9.44
C LYS A 462 5.57 -6.37 9.92
N SER A 463 4.60 -6.51 10.80
CA SER A 463 4.10 -7.82 11.23
C SER A 463 2.75 -7.70 11.90
N GLY A 464 1.98 -8.77 11.82
CA GLY A 464 0.77 -8.93 12.63
C GLY A 464 -0.47 -9.00 11.77
N ARG A 465 -1.53 -9.54 12.36
CA ARG A 465 -2.86 -9.52 11.75
C ARG A 465 -3.20 -8.05 11.47
N GLU A 466 -3.76 -7.78 10.29
CA GLU A 466 -4.36 -6.47 9.96
C GLU A 466 -5.32 -6.01 11.07
N ASP A 467 -5.28 -4.71 11.38
CA ASP A 467 -6.28 -4.08 12.25
C ASP A 467 -7.66 -4.28 11.69
N ALA A 468 -8.60 -4.54 12.61
CA ALA A 468 -10.06 -4.57 12.34
C ALA A 468 -10.50 -4.91 10.91
N PRO A 469 -10.19 -6.13 10.44
CA PRO A 469 -10.43 -6.48 9.03
C PRO A 469 -11.90 -6.39 8.58
N GLU A 470 -12.83 -6.80 9.43
CA GLU A 470 -14.25 -6.80 9.10
C GLU A 470 -14.77 -5.37 8.98
N LEU A 471 -14.27 -4.47 9.83
CA LEU A 471 -14.63 -3.07 9.72
C LEU A 471 -14.04 -2.49 8.43
N ARG A 472 -12.79 -2.82 8.16
CA ARG A 472 -12.10 -2.42 6.93
C ARG A 472 -12.90 -2.88 5.69
N ALA A 473 -13.41 -4.11 5.70
CA ALA A 473 -14.16 -4.62 4.54
C ALA A 473 -15.44 -3.83 4.36
N LYS A 474 -16.07 -3.47 5.47
CA LYS A 474 -17.28 -2.65 5.47
C LYS A 474 -17.05 -1.23 4.92
N MET A 475 -15.92 -0.64 5.28
CA MET A 475 -15.53 0.67 4.75
C MET A 475 -15.34 0.61 3.24
N ASP A 476 -14.62 -0.41 2.79
CA ASP A 476 -14.44 -0.72 1.36
C ASP A 476 -15.73 -0.89 0.62
N GLU A 477 -16.66 -1.61 1.25
CA GLU A 477 -17.96 -1.83 0.68
C GLU A 477 -18.70 -0.51 0.55
N LEU A 478 -18.50 0.39 1.51
CA LEU A 478 -19.18 1.67 1.48
C LEU A 478 -18.71 2.48 0.30
N TRP A 479 -17.40 2.55 0.09
CA TRP A 479 -16.87 3.34 -1.03
C TRP A 479 -17.32 2.80 -2.42
N ASN A 480 -17.33 1.50 -2.61
CA ASN A 480 -17.75 1.04 -3.93
C ASN A 480 -19.25 1.11 -4.17
N LYS A 481 -20.08 0.94 -3.15
CA LYS A 481 -21.51 1.27 -3.26
C LYS A 481 -21.71 2.74 -3.63
N LEU A 482 -20.96 3.63 -2.98
CA LEU A 482 -21.11 5.05 -3.22
C LEU A 482 -20.58 5.52 -4.58
N SER A 483 -19.46 4.93 -5.00
CA SER A 483 -18.87 5.34 -6.26
C SER A 483 -19.56 4.66 -7.45
N SER A 484 -20.45 3.70 -7.14
CA SER A 484 -21.33 3.05 -8.12
C SER A 484 -22.71 3.69 -8.13
N LYS A 485 -22.87 4.79 -7.38
CA LYS A 485 -24.15 5.46 -7.16
C LYS A 485 -25.28 4.58 -6.58
N GLU A 486 -24.95 3.55 -5.80
CA GLU A 486 -25.99 2.71 -5.20
C GLU A 486 -26.38 3.20 -3.80
N ASP A 487 -27.51 2.69 -3.32
CA ASP A 487 -28.02 3.06 -2.00
C ASP A 487 -27.13 2.47 -0.92
N ALA A 488 -26.41 3.32 -0.19
CA ALA A 488 -25.53 2.86 0.90
C ALA A 488 -26.07 3.19 2.28
N SER A 489 -27.34 3.57 2.35
CA SER A 489 -27.90 4.08 3.58
C SER A 489 -27.92 3.07 4.78
N ALA A 490 -28.22 1.80 4.50
CA ALA A 490 -28.16 0.75 5.51
C ALA A 490 -26.75 0.49 6.00
N LEU A 491 -25.79 0.59 5.09
CA LEU A 491 -24.40 0.43 5.46
C LEU A 491 -23.90 1.63 6.27
N ILE A 492 -24.24 2.84 5.82
CA ILE A 492 -23.91 4.07 6.55
C ILE A 492 -24.38 3.99 8.00
N GLU A 493 -25.64 3.59 8.17
CA GLU A 493 -26.26 3.46 9.46
C GLU A 493 -25.51 2.41 10.30
N GLU A 494 -25.17 1.29 9.69
CA GLU A 494 -24.39 0.25 10.35
C GLU A 494 -23.05 0.76 10.82
N LEU A 495 -22.38 1.53 9.96
CA LEU A 495 -21.10 2.13 10.30
C LEU A 495 -21.18 3.18 11.42
N TYR A 496 -22.25 3.96 11.47
CA TYR A 496 -22.51 4.79 12.66
C TYR A 496 -22.46 3.97 13.98
N GLY A 497 -23.05 2.77 13.92
CA GLY A 497 -23.18 1.89 15.07
C GLY A 497 -21.82 1.41 15.52
N GLU A 498 -20.98 1.09 14.56
CA GLU A 498 -19.62 0.62 14.82
C GLU A 498 -18.75 1.70 15.45
N PHE A 499 -18.87 2.93 14.96
CA PHE A 499 -18.03 4.01 15.46
C PHE A 499 -18.50 4.40 16.85
N ALA A 500 -19.81 4.47 17.07
CA ALA A 500 -20.34 4.71 18.40
C ALA A 500 -19.86 3.64 19.39
N ARG A 501 -19.85 2.41 18.90
CA ARG A 501 -19.51 1.26 19.71
C ARG A 501 -18.03 1.30 20.15
N MET A 502 -17.14 1.68 19.22
CA MET A 502 -15.72 1.92 19.52
C MET A 502 -15.53 2.90 20.68
N GLU A 503 -16.23 4.04 20.61
CA GLU A 503 -16.09 5.08 21.61
C GLU A 503 -16.62 4.61 22.97
N GLU A 504 -17.72 3.88 22.97
CA GLU A 504 -18.30 3.41 24.22
C GLU A 504 -17.48 2.26 24.87
N ALA A 505 -16.93 1.36 24.08
CA ALA A 505 -16.01 0.37 24.60
C ALA A 505 -14.82 1.04 25.30
N CYS A 506 -14.23 2.02 24.59
CA CYS A 506 -13.07 2.75 25.08
C CYS A 506 -13.33 3.46 26.41
N ASN A 507 -14.49 4.09 26.52
CA ASN A 507 -14.94 4.67 27.78
C ASN A 507 -15.21 3.68 28.92
N ASN A 508 -15.82 2.53 28.61
CA ASN A 508 -16.02 1.51 29.62
C ASN A 508 -14.65 1.03 30.12
N LEU A 509 -13.71 0.83 29.19
CA LEU A 509 -12.34 0.43 29.53
C LEU A 509 -11.59 1.42 30.43
N LYS A 510 -11.64 2.71 30.09
CA LYS A 510 -11.01 3.76 30.90
C LYS A 510 -11.56 3.74 32.31
N ALA A 511 -12.88 3.56 32.40
CA ALA A 511 -13.58 3.53 33.68
C ALA A 511 -13.36 2.23 34.45
N ASN A 512 -13.23 1.10 33.75
CA ASN A 512 -13.26 -0.18 34.45
C ASN A 512 -12.00 -1.06 34.39
N LEU A 513 -11.03 -0.74 33.55
CA LEU A 513 -9.81 -1.56 33.49
C LEU A 513 -9.04 -1.47 34.80
N PRO A 514 -8.41 -2.58 35.22
CA PRO A 514 -7.39 -2.52 36.27
C PRO A 514 -6.31 -1.53 35.87
N GLU A 515 -5.76 -0.85 36.87
CA GLU A 515 -4.78 0.22 36.68
C GLU A 515 -3.51 -0.28 35.96
N VAL A 516 -3.09 -1.48 36.34
CA VAL A 516 -1.94 -2.17 35.78
C VAL A 516 -2.06 -2.36 34.25
N ALA A 517 -3.26 -2.56 33.74
CA ALA A 517 -3.45 -2.58 32.28
C ALA A 517 -3.71 -1.17 31.75
N LEU A 518 -4.43 -0.37 32.52
CA LEU A 518 -4.82 0.94 32.06
C LEU A 518 -3.64 1.90 31.89
N GLU A 519 -2.67 1.83 32.82
CA GLU A 519 -1.48 2.68 32.74
C GLU A 519 -0.66 2.41 31.47
N GLU A 520 -0.92 1.26 30.85
CA GLU A 520 -0.21 0.87 29.65
C GLU A 520 -0.92 1.32 28.35
N CYS A 521 -2.22 1.61 28.43
CA CYS A 521 -3.00 1.87 27.21
C CYS A 521 -3.88 3.11 27.22
N SER A 522 -3.80 3.92 28.29
CA SER A 522 -4.70 5.06 28.37
C SER A 522 -4.57 6.02 27.19
N ARG A 523 -3.37 6.17 26.63
CA ARG A 523 -3.22 7.13 25.55
C ARG A 523 -3.81 6.60 24.25
N GLN A 524 -3.66 5.30 24.01
CA GLN A 524 -4.18 4.67 22.83
C GLN A 524 -5.72 4.53 22.88
N LEU A 525 -6.26 4.39 24.10
CA LEU A 525 -7.70 4.52 24.35
C LEU A 525 -8.26 5.89 23.89
N ASP A 526 -7.66 6.98 24.39
CA ASP A 526 -8.12 8.30 24.04
C ASP A 526 -7.99 8.54 22.54
N GLU A 527 -6.96 7.97 21.95
CA GLU A 527 -6.77 8.12 20.54
C GLU A 527 -7.82 7.42 19.67
N LEU A 528 -8.25 6.21 20.06
CA LEU A 528 -9.33 5.54 19.32
C LEU A 528 -10.66 6.28 19.49
N ILE A 529 -10.87 6.86 20.66
CA ILE A 529 -12.03 7.73 20.88
C ILE A 529 -11.97 8.86 19.85
N THR A 530 -10.85 9.59 19.80
CA THR A 530 -10.66 10.68 18.86
C THR A 530 -10.94 10.21 17.42
N LEU A 531 -10.31 9.10 17.05
CA LEU A 531 -10.51 8.50 15.76
C LEU A 531 -11.97 8.11 15.47
N ALA A 532 -12.63 7.43 16.41
CA ALA A 532 -14.04 7.07 16.29
C ALA A 532 -14.93 8.32 16.05
N GLN A 533 -14.67 9.38 16.80
CA GLN A 533 -15.37 10.66 16.62
C GLN A 533 -15.12 11.28 15.25
N GLY A 534 -13.91 11.14 14.71
CA GLY A 534 -13.60 11.59 13.34
C GLY A 534 -14.25 10.71 12.27
N ASP A 535 -14.41 9.43 12.58
CA ASP A 535 -15.07 8.50 11.68
C ASP A 535 -16.57 8.85 11.58
N LYS A 536 -17.15 9.16 12.73
CA LYS A 536 -18.52 9.59 12.83
C LYS A 536 -18.74 10.86 12.02
N ALA A 537 -17.84 11.84 12.20
CA ALA A 537 -17.90 13.10 11.47
C ALA A 537 -17.68 12.89 9.96
N SER A 538 -16.91 11.86 9.62
CA SER A 538 -16.68 11.45 8.22
C SER A 538 -17.96 10.95 7.54
N LEU A 539 -18.74 10.13 8.24
CA LEU A 539 -20.05 9.76 7.76
C LEU A 539 -20.97 10.96 7.62
N ASP A 540 -20.94 11.88 8.59
CA ASP A 540 -21.72 13.09 8.51
C ASP A 540 -21.44 13.82 7.21
N MET A 541 -20.15 13.93 6.84
CA MET A 541 -19.71 14.52 5.57
C MET A 541 -20.36 13.87 4.34
N ILE A 542 -20.33 12.55 4.31
CA ILE A 542 -20.95 11.78 3.25
C ILE A 542 -22.45 12.07 3.17
N VAL A 543 -23.13 11.99 4.31
CA VAL A 543 -24.55 12.20 4.34
C VAL A 543 -24.94 13.62 3.89
N ALA A 544 -24.19 14.62 4.34
CA ALA A 544 -24.45 16.01 3.95
C ALA A 544 -24.29 16.19 2.44
N GLN A 545 -23.30 15.51 1.86
CA GLN A 545 -23.05 15.58 0.44
C GLN A 545 -24.21 14.98 -0.38
N LEU A 546 -24.51 13.71 -0.14
CA LEU A 546 -25.72 13.06 -0.64
C LEU A 546 -27.00 13.93 -0.53
N ASN A 547 -27.12 14.65 0.59
CA ASN A 547 -28.22 15.56 0.88
C ASN A 547 -28.07 16.94 0.25
N GLU A 548 -26.92 17.19 -0.39
CA GLU A 548 -26.59 18.51 -0.96
C GLU A 548 -26.68 19.64 0.04
N ASP A 549 -26.29 19.38 1.28
CA ASP A 549 -26.25 20.41 2.33
C ASP A 549 -24.80 20.86 2.48
N THR A 550 -24.45 21.95 1.80
CA THR A 550 -23.08 22.46 1.75
C THR A 550 -22.62 22.83 3.15
N GLU A 551 -23.56 23.36 3.93
CA GLU A 551 -23.29 23.87 5.27
C GLU A 551 -22.94 22.73 6.20
N ALA A 552 -23.80 21.73 6.28
CA ALA A 552 -23.60 20.56 7.13
C ALA A 552 -22.30 19.83 6.77
N TYR A 553 -21.97 19.83 5.48
CA TYR A 553 -20.72 19.25 4.99
C TYR A 553 -19.50 19.98 5.53
N GLU A 554 -19.53 21.31 5.44
CA GLU A 554 -18.36 22.12 5.76
C GLU A 554 -18.06 21.96 7.25
N SER A 555 -19.11 21.98 8.06
CA SER A 555 -19.02 21.85 9.50
C SER A 555 -18.46 20.48 9.92
N ALA A 556 -18.88 19.44 9.22
CA ALA A 556 -18.44 18.07 9.50
C ALA A 556 -17.01 17.83 9.05
N LYS A 557 -16.64 18.41 7.92
CA LYS A 557 -15.30 18.35 7.40
C LYS A 557 -14.26 18.97 8.37
N GLU A 558 -14.54 20.18 8.90
CA GLU A 558 -13.64 20.76 9.88
C GLU A 558 -13.46 19.89 11.13
N ILE A 559 -14.53 19.22 11.58
CA ILE A 559 -14.45 18.31 12.73
C ILE A 559 -13.60 17.06 12.40
N ALA A 560 -13.89 16.43 11.28
CA ALA A 560 -13.20 15.23 10.83
C ALA A 560 -11.73 15.54 10.66
N GLN A 561 -11.45 16.73 10.11
CA GLN A 561 -10.07 17.12 9.82
C GLN A 561 -9.30 17.40 11.11
N ASN A 562 -9.98 17.90 12.14
CA ASN A 562 -9.36 18.10 13.44
C ASN A 562 -9.02 16.84 14.19
N LYS A 563 -9.94 15.89 14.14
CA LYS A 563 -9.79 14.63 14.81
C LYS A 563 -8.63 13.86 14.21
N LEU A 564 -8.53 13.89 12.89
CA LEU A 564 -7.42 13.26 12.20
C LEU A 564 -6.11 13.95 12.57
N ASN A 565 -6.08 15.28 12.54
CA ASN A 565 -4.87 16.00 12.89
C ASN A 565 -4.39 15.77 14.32
N THR A 566 -5.33 15.70 15.25
CA THR A 566 -5.08 15.30 16.62
C THR A 566 -4.44 13.91 16.70
N ALA A 567 -5.00 12.94 15.97
CA ALA A 567 -4.51 11.58 15.99
C ALA A 567 -3.06 11.49 15.43
N LEU A 568 -2.84 12.11 14.27
CA LEU A 568 -1.54 12.13 13.60
C LEU A 568 -0.41 12.74 14.45
N SER A 569 -0.71 13.80 15.19
CA SER A 569 0.25 14.50 16.06
C SER A 569 0.54 13.81 17.39
N SER A 570 -0.42 13.01 17.84
CA SER A 570 -0.32 12.30 19.11
C SER A 570 0.80 11.21 19.12
N PHE A 571 1.40 10.95 20.28
CA PHE A 571 2.38 9.87 20.46
C PHE A 571 1.77 8.50 20.14
N ALA A 572 0.60 8.28 20.74
CA ALA A 572 -0.16 7.06 20.57
C ALA A 572 -0.53 6.88 19.10
N VAL A 573 -0.50 5.63 18.66
CA VAL A 573 -0.82 5.27 17.30
C VAL A 573 -1.72 4.07 17.40
N ILE A 574 -2.84 4.11 16.69
CA ILE A 574 -3.77 2.99 16.59
C ILE A 574 -4.55 3.01 15.27
N SER A 575 -4.82 1.82 14.72
CA SER A 575 -5.77 1.64 13.61
C SER A 575 -5.44 2.46 12.36
N GLU A 576 -4.17 2.52 11.99
CA GLU A 576 -3.74 3.46 10.93
C GLU A 576 -4.51 3.25 9.65
N LYS A 577 -4.67 1.97 9.26
CA LYS A 577 -5.26 1.55 7.97
C LYS A 577 -6.77 1.43 7.97
N VAL A 578 -7.37 1.63 9.14
CA VAL A 578 -8.83 1.52 9.32
C VAL A 578 -9.44 2.84 9.82
N ALA A 579 -9.48 3.04 11.13
CA ALA A 579 -10.17 4.19 11.71
C ALA A 579 -9.58 5.50 11.23
N GLN A 580 -8.28 5.49 11.03
CA GLN A 580 -7.54 6.70 10.70
C GLN A 580 -7.62 7.01 9.22
N SER A 581 -7.24 6.04 8.41
CA SER A 581 -7.28 6.18 6.96
C SER A 581 -8.73 6.44 6.43
N PHE A 582 -9.75 5.90 7.10
CA PHE A 582 -11.15 6.16 6.71
C PHE A 582 -11.41 7.64 6.64
N ILE A 583 -10.83 8.41 7.57
CA ILE A 583 -11.03 9.85 7.56
C ILE A 583 -10.38 10.49 6.34
N GLN A 584 -9.18 10.01 5.96
CA GLN A 584 -8.48 10.51 4.79
C GLN A 584 -9.27 10.16 3.52
N GLU A 585 -9.86 8.96 3.53
CA GLU A 585 -10.68 8.47 2.45
C GLU A 585 -11.93 9.34 2.25
N ALA A 586 -12.63 9.60 3.34
CA ALA A 586 -13.80 10.47 3.34
C ALA A 586 -13.49 11.91 2.92
N LEU A 587 -12.40 12.48 3.42
CA LEU A 587 -12.00 13.84 3.04
C LEU A 587 -11.73 13.99 1.52
N SER A 588 -11.33 12.91 0.88
CA SER A 588 -10.88 12.93 -0.49
C SER A 588 -11.96 12.47 -1.44
N PHE A 589 -13.03 11.93 -0.89
CA PHE A 589 -14.15 11.44 -1.69
C PHE A 589 -15.07 12.62 -1.96
N ASP A 590 -15.18 13.01 -3.22
CA ASP A 590 -16.07 14.11 -3.59
C ASP A 590 -17.37 13.57 -4.21
N LEU A 591 -18.36 13.41 -3.34
CA LEU A 591 -19.63 12.80 -3.70
C LEU A 591 -20.53 13.78 -4.47
N THR A 592 -20.14 15.06 -4.51
CA THR A 592 -20.94 16.07 -5.18
C THR A 592 -20.67 16.19 -6.70
N LEU A 593 -19.74 15.38 -7.23
CA LEU A 593 -19.53 15.43 -8.67
C LEU A 593 -20.71 14.78 -9.39
N ILE A 594 -21.76 15.61 -9.54
CA ILE A 594 -23.17 15.23 -9.74
C ILE A 594 -23.47 13.78 -9.46
N GLN B 10 19.02 21.26 -38.26
CA GLN B 10 20.49 21.06 -38.39
C GLN B 10 20.79 19.71 -39.04
N VAL B 11 22.07 19.37 -39.15
CA VAL B 11 22.52 17.99 -39.37
C VAL B 11 21.61 17.02 -38.60
N LEU B 12 21.39 17.32 -37.31
CA LEU B 12 20.68 16.42 -36.41
C LEU B 12 19.17 16.65 -36.34
N VAL B 13 18.42 15.54 -36.32
CA VAL B 13 16.95 15.54 -36.24
C VAL B 13 16.44 16.01 -34.88
N PRO B 14 15.67 17.13 -34.85
CA PRO B 14 15.10 17.63 -33.58
C PRO B 14 14.14 16.65 -32.93
N ASN B 15 13.72 16.97 -31.72
CA ASN B 15 12.62 16.29 -31.09
C ASN B 15 11.40 16.39 -31.98
N LEU B 16 10.73 15.27 -32.21
CA LEU B 16 9.53 15.28 -33.01
C LEU B 16 8.36 14.75 -32.21
N ASN B 17 7.19 15.33 -32.43
CA ASN B 17 5.93 14.85 -31.84
C ASN B 17 4.67 15.07 -32.71
N PRO B 18 3.93 13.98 -33.05
CA PRO B 18 4.21 12.58 -32.68
C PRO B 18 5.47 12.03 -33.36
N THR B 19 5.87 10.82 -32.98
CA THR B 19 6.95 10.13 -33.68
C THR B 19 6.41 9.74 -35.07
N PRO B 20 7.05 10.22 -36.15
CA PRO B 20 6.75 9.75 -37.53
C PRO B 20 6.89 8.24 -37.66
N GLU B 21 6.02 7.62 -38.44
CA GLU B 21 6.02 6.18 -38.59
C GLU B 21 7.34 5.70 -39.18
N ASN B 22 7.75 6.32 -40.28
CA ASN B 22 9.02 6.01 -40.94
C ASN B 22 9.88 7.25 -41.13
N LEU B 23 11.07 7.23 -40.55
CA LEU B 23 12.05 8.28 -40.78
C LEU B 23 13.42 7.70 -41.13
N GLU B 24 13.94 8.14 -42.26
CA GLU B 24 15.29 7.81 -42.70
C GLU B 24 16.07 9.12 -42.88
N VAL B 25 17.23 9.22 -42.24
CA VAL B 25 18.18 10.28 -42.54
C VAL B 25 19.02 9.87 -43.78
N VAL B 26 19.04 10.73 -44.78
CA VAL B 26 19.64 10.39 -46.09
C VAL B 26 20.75 11.35 -46.56
N GLY B 27 21.21 12.25 -45.67
CA GLY B 27 22.28 13.19 -45.98
C GLY B 27 22.74 13.99 -44.78
N ASP B 28 23.54 15.03 -45.02
CA ASP B 28 24.09 15.87 -43.94
C ASP B 28 23.23 17.08 -43.62
N GLY B 29 22.09 17.21 -44.31
CA GLY B 29 21.18 18.31 -44.08
C GLY B 29 21.70 19.58 -44.70
N PHE B 30 20.93 20.66 -44.61
CA PHE B 30 21.27 21.90 -45.31
C PHE B 30 20.59 23.14 -44.73
N LYS B 31 21.08 24.30 -45.16
CA LYS B 31 20.58 25.60 -44.73
C LYS B 31 19.52 26.10 -45.71
N ILE B 32 18.34 26.42 -45.19
CA ILE B 32 17.28 27.04 -45.99
C ILE B 32 17.59 28.53 -46.16
N THR B 33 17.60 28.98 -47.42
CA THR B 33 17.85 30.38 -47.76
C THR B 33 16.83 31.37 -47.14
N SER B 34 17.18 32.66 -47.17
CA SER B 34 16.38 33.76 -46.59
C SER B 34 15.05 33.91 -47.30
N SER B 35 15.09 33.75 -48.61
CA SER B 35 13.89 33.67 -49.44
C SER B 35 13.89 32.31 -50.08
N ILE B 36 12.72 31.67 -50.09
CA ILE B 36 12.59 30.38 -50.75
C ILE B 36 11.72 30.42 -52.00
N ASN B 37 11.82 29.35 -52.80
CA ASN B 37 10.89 29.11 -53.88
C ASN B 37 9.71 28.30 -53.35
N LEU B 38 8.50 28.77 -53.62
CA LEU B 38 7.30 28.07 -53.19
C LEU B 38 6.51 27.54 -54.39
N VAL B 39 6.30 26.22 -54.40
CA VAL B 39 5.56 25.55 -55.48
C VAL B 39 4.36 24.77 -54.94
N GLY B 40 3.22 24.94 -55.60
CA GLY B 40 2.03 24.14 -55.36
C GLY B 40 0.98 24.81 -54.51
N GLU B 41 1.23 26.05 -54.10
CA GLU B 41 0.43 26.74 -53.09
C GLU B 41 -1.04 26.95 -53.44
N GLU B 42 -1.34 26.97 -54.75
CA GLU B 42 -2.68 27.20 -55.27
C GLU B 42 -3.50 25.91 -55.37
N GLU B 43 -2.81 24.76 -55.44
CA GLU B 43 -3.48 23.45 -55.48
C GLU B 43 -3.48 22.73 -54.11
N ALA B 44 -2.50 23.06 -53.27
CA ALA B 44 -2.34 22.42 -51.98
C ALA B 44 -3.42 22.89 -51.02
N ASP B 45 -3.71 22.07 -50.01
CA ASP B 45 -4.72 22.37 -49.01
C ASP B 45 -4.54 23.77 -48.42
N GLU B 46 -5.61 24.56 -48.44
CA GLU B 46 -5.56 25.93 -47.92
C GLU B 46 -5.00 25.98 -46.51
N ASN B 47 -5.55 25.14 -45.63
CA ASN B 47 -5.18 25.11 -44.21
C ASN B 47 -3.70 24.86 -43.98
N ALA B 48 -3.14 23.82 -44.61
CA ALA B 48 -1.71 23.56 -44.57
C ALA B 48 -0.90 24.78 -45.00
N VAL B 49 -1.27 25.35 -46.15
CA VAL B 49 -0.58 26.49 -46.74
C VAL B 49 -0.51 27.68 -45.77
N ASN B 50 -1.64 28.00 -45.14
CA ASN B 50 -1.69 29.07 -44.16
C ASN B 50 -0.75 28.82 -42.97
N ALA B 51 -0.71 27.58 -42.51
CA ALA B 51 0.18 27.17 -41.42
C ALA B 51 1.63 27.24 -41.86
N LEU B 52 1.85 27.05 -43.16
CA LEU B 52 3.18 27.22 -43.72
C LEU B 52 3.56 28.69 -43.76
N ARG B 53 2.69 29.52 -44.30
CA ARG B 53 2.88 30.98 -44.36
C ARG B 53 3.10 31.55 -42.98
N GLU B 54 2.20 31.21 -42.04
CA GLU B 54 2.37 31.56 -40.62
C GLU B 54 3.80 31.32 -40.18
N PHE B 55 4.31 30.12 -40.47
CA PHE B 55 5.60 29.67 -39.95
C PHE B 55 6.79 30.35 -40.63
N LEU B 56 6.76 30.39 -41.95
CA LEU B 56 7.79 31.06 -42.73
C LEU B 56 7.99 32.50 -42.28
N THR B 57 6.89 33.24 -42.16
CA THR B 57 6.91 34.64 -41.73
C THR B 57 7.60 34.75 -40.37
N ALA B 58 7.09 33.99 -39.40
CA ALA B 58 7.54 34.05 -38.02
C ALA B 58 9.02 33.68 -37.85
N ASN B 59 9.65 33.25 -38.93
CA ASN B 59 11.05 32.84 -38.89
C ASN B 59 11.91 33.64 -39.84
N ASN B 60 11.35 34.75 -40.34
CA ASN B 60 12.06 35.70 -41.20
C ASN B 60 12.45 35.07 -42.54
N ILE B 61 11.47 34.42 -43.16
CA ILE B 61 11.65 33.70 -44.42
C ILE B 61 10.61 34.20 -45.42
N GLU B 62 11.08 34.85 -46.48
CA GLU B 62 10.21 35.40 -47.50
C GLU B 62 9.98 34.45 -48.67
N ILE B 63 8.83 34.59 -49.32
CA ILE B 63 8.54 33.81 -50.51
C ILE B 63 8.89 34.62 -51.77
N ASN B 64 9.66 33.98 -52.66
CA ASN B 64 10.06 34.59 -53.93
C ASN B 64 8.88 34.94 -54.81
N SER B 65 8.94 36.13 -55.40
CA SER B 65 7.95 36.61 -56.36
C SER B 65 8.00 35.69 -57.57
N GLU B 66 9.22 35.48 -58.10
CA GLU B 66 9.47 34.52 -59.17
C GLU B 66 10.68 33.65 -58.82
N ASN B 67 10.81 32.52 -59.53
CA ASN B 67 11.85 31.53 -59.26
C ASN B 67 13.30 32.05 -59.28
N ASP B 68 14.07 31.67 -58.27
CA ASP B 68 15.52 31.93 -58.22
C ASP B 68 16.24 30.59 -57.97
N PRO B 69 17.10 30.17 -58.91
CA PRO B 69 17.82 28.89 -58.82
C PRO B 69 18.67 28.74 -57.56
N ASN B 70 19.15 29.86 -57.03
CA ASN B 70 19.97 29.86 -55.83
C ASN B 70 19.15 29.72 -54.52
N SER B 71 17.83 29.84 -54.65
CA SER B 71 16.91 29.71 -53.51
C SER B 71 16.60 28.25 -53.16
N THR B 72 16.22 28.05 -51.90
CA THR B 72 15.67 26.79 -51.46
C THR B 72 14.25 26.69 -52.01
N THR B 73 13.87 25.50 -52.46
CA THR B 73 12.56 25.27 -53.02
C THR B 73 11.73 24.38 -52.11
N LEU B 74 10.51 24.82 -51.81
CA LEU B 74 9.53 24.00 -51.14
C LEU B 74 8.32 23.74 -52.02
N ILE B 75 8.06 22.46 -52.25
CA ILE B 75 6.89 22.00 -52.99
C ILE B 75 5.87 21.38 -52.02
N ILE B 76 4.63 21.84 -52.15
CA ILE B 76 3.54 21.37 -51.29
C ILE B 76 2.32 21.02 -52.14
N GLY B 77 1.61 19.97 -51.73
CA GLY B 77 0.38 19.53 -52.39
C GLY B 77 -0.11 18.17 -51.95
N GLU B 78 -1.19 17.73 -52.58
CA GLU B 78 -1.76 16.43 -52.28
C GLU B 78 -1.45 15.47 -53.43
N VAL B 79 -1.54 14.17 -53.14
CA VAL B 79 -1.13 13.10 -54.06
C VAL B 79 -1.75 13.18 -55.44
N ASP B 80 -3.04 13.48 -55.50
CA ASP B 80 -3.69 13.54 -56.81
C ASP B 80 -3.90 14.94 -57.38
N ASP B 81 -3.05 15.86 -56.93
CA ASP B 81 -2.98 17.21 -57.48
C ASP B 81 -2.07 17.24 -58.71
N ASP B 82 -2.24 18.29 -59.51
CA ASP B 82 -1.46 18.52 -60.71
C ASP B 82 -0.15 19.28 -60.39
N ILE B 83 0.82 18.56 -59.83
CA ILE B 83 2.15 19.13 -59.50
C ILE B 83 3.31 18.18 -59.89
N PRO B 84 3.74 18.23 -61.17
CA PRO B 84 4.89 17.41 -61.60
C PRO B 84 6.16 17.55 -60.73
N GLU B 85 6.46 18.76 -60.25
CA GLU B 85 7.66 19.01 -59.42
C GLU B 85 7.66 18.19 -58.13
N LEU B 86 6.47 17.96 -57.60
CA LEU B 86 6.27 17.17 -56.40
C LEU B 86 6.75 15.73 -56.62
N ASP B 87 6.23 15.08 -57.68
CA ASP B 87 6.67 13.75 -58.11
C ASP B 87 8.19 13.65 -58.27
N GLU B 88 8.78 14.71 -58.83
CA GLU B 88 10.22 14.79 -59.11
C GLU B 88 11.08 14.93 -57.85
N ALA B 89 10.66 15.83 -56.95
CA ALA B 89 11.38 16.09 -55.69
C ALA B 89 11.26 14.94 -54.69
N LEU B 90 10.13 14.23 -54.75
CA LEU B 90 9.86 13.10 -53.85
C LEU B 90 10.73 11.89 -54.18
N ASN B 91 11.19 11.81 -55.43
CA ASN B 91 12.12 10.79 -55.91
C ASN B 91 11.85 9.37 -55.39
N GLY B 92 10.70 8.81 -55.75
CA GLY B 92 10.33 7.44 -55.37
C GLY B 92 9.28 7.27 -54.26
N THR B 93 9.53 7.88 -53.10
CA THR B 93 8.61 7.79 -51.96
C THR B 93 7.41 8.71 -52.18
N THR B 94 6.18 8.18 -52.06
CA THR B 94 4.97 9.04 -52.06
C THR B 94 3.97 8.74 -50.91
N ALA B 95 2.80 9.37 -50.98
CA ALA B 95 1.78 9.24 -49.95
C ALA B 95 0.56 8.44 -50.39
N GLU B 96 0.56 8.04 -51.67
CA GLU B 96 -0.55 7.33 -52.33
C GLU B 96 -0.91 6.01 -51.65
N ASN B 97 0.06 5.41 -50.95
CA ASN B 97 -0.11 4.13 -50.30
C ASN B 97 -0.43 4.21 -48.80
N LEU B 98 -0.72 5.40 -48.32
CA LEU B 98 -0.95 5.59 -46.89
C LEU B 98 -2.41 5.92 -46.62
N LYS B 99 -2.86 5.61 -45.40
CA LYS B 99 -4.23 5.86 -44.99
C LYS B 99 -4.55 7.36 -44.94
N GLU B 100 -5.82 7.69 -44.74
CA GLU B 100 -6.24 9.06 -44.43
C GLU B 100 -5.29 9.72 -43.42
N GLU B 101 -5.12 11.04 -43.50
CA GLU B 101 -4.14 11.80 -42.67
C GLU B 101 -2.67 11.41 -42.87
N GLY B 102 -2.42 10.49 -43.81
CA GLY B 102 -1.06 10.13 -44.19
C GLY B 102 -0.41 11.20 -45.03
N TYR B 103 0.92 11.20 -45.05
CA TYR B 103 1.72 12.11 -45.87
C TYR B 103 3.17 11.63 -46.00
N ALA B 104 3.84 12.13 -47.04
CA ALA B 104 5.27 11.92 -47.29
C ALA B 104 6.02 13.25 -47.31
N LEU B 105 7.16 13.29 -46.62
CA LEU B 105 7.99 14.49 -46.57
C LEU B 105 9.41 14.10 -46.91
N VAL B 106 9.93 14.71 -47.98
CA VAL B 106 11.33 14.51 -48.37
C VAL B 106 12.14 15.81 -48.43
N SER B 107 13.23 15.84 -47.68
CA SER B 107 14.14 16.96 -47.66
C SER B 107 15.49 16.52 -48.24
N ASN B 108 15.93 17.21 -49.29
CA ASN B 108 17.11 16.81 -50.03
C ASN B 108 17.67 17.91 -50.93
N ASP B 109 18.92 18.30 -50.69
CA ASP B 109 19.71 19.20 -51.57
C ASP B 109 18.99 20.48 -52.05
N GLY B 110 18.54 21.31 -51.09
CA GLY B 110 17.89 22.59 -51.42
C GLY B 110 16.41 22.49 -51.77
N LYS B 111 15.88 21.26 -51.79
CA LYS B 111 14.46 21.00 -52.06
C LYS B 111 13.76 20.28 -50.89
N ILE B 112 12.52 20.71 -50.62
CA ILE B 112 11.66 20.14 -49.55
C ILE B 112 10.27 19.80 -50.12
N ALA B 113 9.96 18.50 -50.16
CA ALA B 113 8.71 18.01 -50.71
C ALA B 113 7.77 17.53 -49.59
N ILE B 114 6.58 18.10 -49.56
CA ILE B 114 5.53 17.70 -48.63
C ILE B 114 4.30 17.30 -49.42
N GLU B 115 3.96 16.02 -49.35
CA GLU B 115 2.78 15.47 -50.05
C GLU B 115 1.83 14.73 -49.10
N GLY B 116 0.62 15.25 -48.94
CA GLY B 116 -0.42 14.59 -48.16
C GLY B 116 -1.29 13.67 -48.99
N LYS B 117 -1.70 12.55 -48.38
CA LYS B 117 -2.69 11.64 -48.98
C LYS B 117 -4.00 12.39 -49.15
N ASP B 118 -4.30 13.27 -48.20
CA ASP B 118 -5.39 14.23 -48.31
C ASP B 118 -4.93 15.58 -47.74
N GLY B 119 -5.84 16.56 -47.64
CA GLY B 119 -5.52 17.86 -47.05
C GLY B 119 -5.09 17.77 -45.60
N ASP B 120 -5.60 16.78 -44.86
CA ASP B 120 -5.19 16.60 -43.47
C ASP B 120 -3.73 16.20 -43.45
N GLY B 121 -3.39 15.21 -44.27
CA GLY B 121 -2.00 14.77 -44.46
C GLY B 121 -1.06 15.90 -44.83
N THR B 122 -1.54 16.80 -45.67
CA THR B 122 -0.72 17.96 -46.06
C THR B 122 -0.48 18.92 -44.88
N PHE B 123 -1.53 19.26 -44.13
CA PHE B 123 -1.44 20.01 -42.87
C PHE B 123 -0.44 19.37 -41.91
N TYR B 124 -0.55 18.06 -41.73
CA TYR B 124 0.31 17.36 -40.81
C TYR B 124 1.75 17.32 -41.28
N GLY B 125 1.94 17.18 -42.59
CA GLY B 125 3.26 17.33 -43.20
C GLY B 125 3.94 18.64 -42.86
N VAL B 126 3.20 19.74 -43.00
CA VAL B 126 3.64 21.08 -42.59
C VAL B 126 4.08 21.13 -41.09
N GLN B 127 3.34 20.45 -40.21
CA GLN B 127 3.65 20.37 -38.78
C GLN B 127 4.95 19.64 -38.47
N THR B 128 5.21 18.56 -39.21
CA THR B 128 6.48 17.85 -39.09
C THR B 128 7.62 18.75 -39.59
N PHE B 129 7.34 19.49 -40.65
CA PHE B 129 8.30 20.43 -41.22
C PHE B 129 8.71 21.52 -40.21
N LYS B 130 7.72 22.20 -39.64
CA LYS B 130 7.94 23.18 -38.58
C LYS B 130 8.81 22.64 -37.46
N GLN B 131 8.62 21.38 -37.09
CA GLN B 131 9.46 20.76 -36.05
C GLN B 131 10.86 20.37 -36.53
N LEU B 132 11.04 20.29 -37.85
CA LEU B 132 12.35 19.89 -38.40
C LEU B 132 13.31 21.07 -38.47
N VAL B 133 12.76 22.24 -38.79
CA VAL B 133 13.53 23.47 -38.92
C VAL B 133 14.00 23.99 -37.56
N LYS B 134 15.32 23.95 -37.38
CA LYS B 134 16.01 24.62 -36.28
C LYS B 134 16.97 25.65 -36.88
N GLU B 135 16.59 26.91 -36.83
CA GLU B 135 17.41 28.04 -37.31
C GLU B 135 17.86 27.91 -38.77
N SER B 136 16.87 27.78 -39.66
CA SER B 136 17.09 27.69 -41.12
C SER B 136 17.85 26.43 -41.53
N ASN B 137 18.01 25.51 -40.58
CA ASN B 137 18.64 24.23 -40.84
C ASN B 137 17.62 23.09 -40.71
N ILE B 138 17.70 22.16 -41.65
CA ILE B 138 16.82 21.00 -41.67
C ILE B 138 17.68 19.77 -42.00
N PRO B 139 17.40 18.61 -41.37
CA PRO B 139 18.18 17.42 -41.76
C PRO B 139 17.67 16.93 -43.10
N GLU B 140 18.45 16.07 -43.75
CA GLU B 140 17.98 15.43 -44.99
C GLU B 140 17.30 14.10 -44.67
N VAL B 141 15.98 14.11 -44.82
CA VAL B 141 15.13 12.99 -44.44
C VAL B 141 14.18 12.52 -45.52
N ASN B 142 13.85 11.24 -45.39
CA ASN B 142 12.77 10.66 -46.14
C ASN B 142 11.71 10.20 -45.14
N ILE B 143 10.56 10.87 -45.16
CA ILE B 143 9.46 10.55 -44.23
C ILE B 143 8.21 10.08 -44.96
N THR B 144 7.67 8.95 -44.50
CA THR B 144 6.25 8.64 -44.70
C THR B 144 5.66 8.42 -43.32
N ASP B 145 4.43 8.91 -43.13
CA ASP B 145 3.85 8.98 -41.81
C ASP B 145 2.32 8.93 -41.86
N TYR B 146 1.72 8.41 -40.79
CA TYR B 146 0.28 8.21 -40.68
C TYR B 146 -0.03 7.71 -39.27
N PRO B 147 -1.25 8.00 -38.77
CA PRO B 147 -1.67 7.64 -37.42
C PRO B 147 -2.06 6.16 -37.24
N THR B 148 -1.95 5.66 -36.02
CA THR B 148 -2.39 4.30 -35.68
C THR B 148 -3.90 4.33 -35.48
N VAL B 149 -4.35 5.37 -34.78
CA VAL B 149 -5.74 5.56 -34.41
C VAL B 149 -6.29 6.76 -35.17
N SER B 150 -7.49 6.61 -35.70
CA SER B 150 -8.04 7.57 -36.65
C SER B 150 -8.66 8.78 -35.97
N ALA B 151 -9.17 8.58 -34.75
CA ALA B 151 -9.68 9.69 -33.97
C ALA B 151 -8.82 9.82 -32.72
N ARG B 152 -8.13 10.96 -32.62
CA ARG B 152 -7.25 11.24 -31.50
C ARG B 152 -7.52 12.64 -30.95
N GLY B 153 -7.78 12.73 -29.63
CA GLY B 153 -7.89 14.03 -29.00
C GLY B 153 -8.33 14.15 -27.55
N ILE B 154 -9.25 15.08 -27.33
CA ILE B 154 -9.56 15.53 -25.99
C ILE B 154 -11.07 15.55 -25.87
N VAL B 155 -11.56 15.09 -24.71
CA VAL B 155 -12.94 15.34 -24.28
C VAL B 155 -12.94 16.37 -23.13
N GLU B 156 -13.44 17.57 -23.35
CA GLU B 156 -13.52 18.50 -22.24
C GLU B 156 -14.76 18.06 -21.45
N GLY B 157 -14.57 17.19 -20.48
CA GLY B 157 -15.67 16.46 -19.90
C GLY B 157 -15.64 16.39 -18.40
N PHE B 158 -14.79 17.21 -17.80
CA PHE B 158 -14.59 17.25 -16.37
C PHE B 158 -15.60 18.17 -15.67
N TYR B 159 -15.70 17.99 -14.35
CA TYR B 159 -16.43 18.89 -13.50
C TYR B 159 -15.46 20.00 -13.09
N GLY B 160 -15.98 21.14 -12.65
CA GLY B 160 -15.17 22.30 -12.24
C GLY B 160 -15.18 23.37 -13.31
N THR B 161 -14.46 24.46 -13.04
CA THR B 161 -14.37 25.62 -13.93
C THR B 161 -13.93 25.23 -15.34
N PRO B 162 -14.84 25.36 -16.32
CA PRO B 162 -14.49 25.01 -17.70
C PRO B 162 -13.36 25.88 -18.25
N TRP B 163 -12.67 25.33 -19.26
CA TRP B 163 -11.69 26.11 -20.02
C TRP B 163 -12.33 27.38 -20.54
N THR B 164 -11.59 28.47 -20.46
CA THR B 164 -12.02 29.75 -21.01
C THR B 164 -11.94 29.67 -22.53
N HIS B 165 -12.72 30.51 -23.21
CA HIS B 165 -12.69 30.63 -24.66
C HIS B 165 -11.27 30.68 -25.22
N GLN B 166 -10.47 31.59 -24.69
CA GLN B 166 -9.09 31.76 -25.11
C GLN B 166 -8.24 30.49 -24.87
N ASP B 167 -8.47 29.81 -23.73
CA ASP B 167 -7.94 28.47 -23.44
C ASP B 167 -8.20 27.51 -24.60
N ARG B 168 -9.48 27.30 -24.93
CA ARG B 168 -9.85 26.35 -26.00
C ARG B 168 -9.22 26.76 -27.32
N LEU B 169 -9.31 28.04 -27.64
CA LEU B 169 -8.68 28.51 -28.88
C LEU B 169 -7.20 28.08 -28.93
N ASP B 170 -6.49 28.34 -27.84
CA ASP B 170 -5.09 27.94 -27.67
C ASP B 170 -4.90 26.43 -27.77
N GLN B 171 -5.77 25.69 -27.09
CA GLN B 171 -5.73 24.24 -27.11
C GLN B 171 -5.93 23.70 -28.52
N ILE B 172 -6.84 24.31 -29.27
CA ILE B 172 -7.10 23.88 -30.63
C ILE B 172 -5.87 24.02 -31.53
N LYS B 173 -5.10 25.12 -31.40
CA LYS B 173 -3.86 25.31 -32.15
C LYS B 173 -2.87 24.25 -31.74
N PHE B 174 -2.76 24.04 -30.43
CA PHE B 174 -1.93 22.99 -29.86
C PHE B 174 -2.28 21.57 -30.38
N TYR B 175 -3.56 21.24 -30.52
CA TYR B 175 -3.93 19.95 -31.10
C TYR B 175 -3.43 19.83 -32.55
N GLY B 176 -3.57 20.92 -33.31
CA GLY B 176 -3.10 20.95 -34.68
C GLY B 176 -1.61 20.66 -34.82
N GLU B 177 -0.80 21.26 -33.96
CA GLU B 177 0.65 21.15 -34.02
C GLU B 177 1.14 19.75 -33.64
N ASN B 178 0.27 18.97 -33.02
CA ASN B 178 0.63 17.69 -32.43
C ASN B 178 -0.24 16.58 -33.01
N LYS B 179 -0.99 16.95 -34.05
CA LYS B 179 -1.67 16.02 -34.96
C LYS B 179 -2.90 15.35 -34.37
N LEU B 180 -3.47 15.99 -33.35
CA LEU B 180 -4.71 15.55 -32.72
C LEU B 180 -5.85 16.20 -33.47
N ASN B 181 -6.90 15.42 -33.71
CA ASN B 181 -7.91 15.71 -34.72
C ASN B 181 -9.33 15.71 -34.14
N THR B 182 -9.43 15.77 -32.82
CA THR B 182 -10.70 15.58 -32.15
C THR B 182 -10.78 16.38 -30.86
N TYR B 183 -11.67 17.35 -30.82
CA TYR B 183 -11.98 18.03 -29.58
C TYR B 183 -13.47 17.88 -29.27
N ILE B 184 -13.79 17.27 -28.13
CA ILE B 184 -15.18 17.14 -27.68
C ILE B 184 -15.57 18.18 -26.63
N TYR B 185 -16.54 19.02 -26.98
CA TYR B 185 -17.10 20.00 -26.09
C TYR B 185 -18.15 19.30 -25.22
N ALA B 186 -17.87 19.17 -23.92
CA ALA B 186 -18.76 18.52 -22.97
C ALA B 186 -18.53 18.92 -21.51
N PRO B 187 -18.34 20.22 -21.23
CA PRO B 187 -18.05 20.50 -19.82
C PRO B 187 -19.27 20.26 -18.95
N LYS B 188 -19.10 19.42 -17.92
CA LYS B 188 -20.17 19.10 -16.99
C LYS B 188 -20.81 20.35 -16.43
N ASP B 189 -20.01 21.39 -16.22
CA ASP B 189 -20.50 22.56 -15.52
C ASP B 189 -20.94 23.68 -16.41
N ASP B 190 -20.93 23.48 -17.72
CA ASP B 190 -21.66 24.37 -18.63
C ASP B 190 -23.16 24.04 -18.54
N PRO B 191 -23.97 24.93 -17.93
CA PRO B 191 -25.39 24.69 -17.67
C PRO B 191 -26.17 24.33 -18.94
N TYR B 192 -25.77 24.88 -20.08
CA TYR B 192 -26.44 24.59 -21.34
C TYR B 192 -26.04 23.24 -21.92
N HIS B 193 -24.95 22.68 -21.44
CA HIS B 193 -24.54 21.37 -21.92
C HIS B 193 -25.28 20.25 -21.17
N ARG B 194 -25.77 20.53 -19.95
CA ARG B 194 -26.30 19.47 -19.10
C ARG B 194 -27.48 19.88 -18.20
N GLU B 195 -27.21 20.62 -17.12
CA GLU B 195 -28.26 21.07 -16.16
C GLU B 195 -29.46 21.71 -16.85
N LYS B 196 -29.21 22.51 -17.87
CA LYS B 196 -30.25 23.17 -18.62
C LYS B 196 -29.98 22.85 -20.08
N TRP B 197 -29.99 21.57 -20.41
CA TRP B 197 -29.64 21.11 -21.75
C TRP B 197 -30.67 21.51 -22.84
N ARG B 198 -31.94 21.69 -22.46
CA ARG B 198 -33.00 22.04 -23.43
C ARG B 198 -32.89 23.47 -23.92
N GLU B 199 -32.19 24.31 -23.15
CA GLU B 199 -32.17 25.76 -23.38
C GLU B 199 -31.18 26.18 -24.46
N PRO B 200 -31.58 27.12 -25.32
CA PRO B 200 -30.67 27.60 -26.35
C PRO B 200 -29.50 28.38 -25.75
N TYR B 201 -28.35 28.34 -26.44
CA TYR B 201 -27.20 29.13 -26.08
C TYR B 201 -27.50 30.61 -26.36
N PRO B 202 -27.08 31.50 -25.43
CA PRO B 202 -27.34 32.94 -25.64
C PRO B 202 -26.51 33.38 -26.84
N GLU B 203 -26.96 34.37 -27.60
CA GLU B 203 -26.22 34.81 -28.78
C GLU B 203 -24.72 34.95 -28.54
N SER B 204 -24.35 35.68 -27.48
CA SER B 204 -22.94 35.84 -27.07
C SER B 204 -22.14 34.52 -27.11
N GLU B 205 -22.67 33.47 -26.46
CA GLU B 205 -21.99 32.18 -26.42
C GLU B 205 -22.03 31.44 -27.77
N MET B 206 -23.01 31.76 -28.61
CA MET B 206 -23.06 31.15 -29.92
C MET B 206 -21.95 31.68 -30.84
N GLN B 207 -21.64 32.96 -30.75
CA GLN B 207 -20.55 33.54 -31.55
C GLN B 207 -19.18 32.99 -31.18
N ARG B 208 -18.93 32.81 -29.88
CA ARG B 208 -17.73 32.10 -29.42
C ARG B 208 -17.66 30.68 -29.99
N MET B 209 -18.78 29.96 -29.98
CA MET B 209 -18.81 28.63 -30.60
C MET B 209 -18.33 28.70 -32.04
N GLN B 210 -18.82 29.69 -32.78
CA GLN B 210 -18.40 29.91 -34.16
C GLN B 210 -16.87 30.00 -34.33
N GLU B 211 -16.24 30.84 -33.52
CA GLU B 211 -14.78 30.97 -33.49
C GLU B 211 -14.09 29.63 -33.17
N LEU B 212 -14.68 28.87 -32.25
CA LEU B 212 -14.16 27.54 -31.90
C LEU B 212 -14.28 26.56 -33.06
N ILE B 213 -15.42 26.62 -33.75
CA ILE B 213 -15.65 25.78 -34.94
C ILE B 213 -14.69 26.21 -36.03
N ASN B 214 -14.63 27.52 -36.28
CA ASN B 214 -13.72 28.03 -37.31
C ASN B 214 -12.27 27.65 -37.00
N ALA B 215 -11.87 27.73 -35.72
CA ALA B 215 -10.51 27.42 -35.32
C ALA B 215 -10.22 25.94 -35.48
N SER B 216 -11.21 25.10 -35.18
CA SER B 216 -11.09 23.65 -35.30
C SER B 216 -10.78 23.25 -36.73
N ALA B 217 -11.54 23.83 -37.67
CA ALA B 217 -11.34 23.59 -39.10
C ALA B 217 -10.00 24.10 -39.63
N GLU B 218 -9.60 25.31 -39.24
CA GLU B 218 -8.26 25.82 -39.57
C GLU B 218 -7.13 24.84 -39.21
N ASN B 219 -7.39 23.99 -38.23
CA ASN B 219 -6.38 23.14 -37.60
C ASN B 219 -6.63 21.65 -37.77
N LYS B 220 -7.58 21.30 -38.65
CA LYS B 220 -7.90 19.90 -39.02
C LYS B 220 -8.42 19.07 -37.83
N VAL B 221 -9.04 19.77 -36.89
CA VAL B 221 -9.60 19.15 -35.71
C VAL B 221 -11.11 19.03 -35.98
N ASP B 222 -11.70 17.88 -35.63
CA ASP B 222 -13.15 17.72 -35.58
C ASP B 222 -13.68 18.27 -34.25
N PHE B 223 -14.43 19.35 -34.32
CA PHE B 223 -15.17 19.83 -33.15
C PHE B 223 -16.41 18.95 -32.95
N VAL B 224 -16.49 18.27 -31.80
CA VAL B 224 -17.61 17.40 -31.51
C VAL B 224 -18.50 18.08 -30.48
N PHE B 225 -19.77 18.30 -30.82
CA PHE B 225 -20.64 18.97 -29.88
C PHE B 225 -21.35 17.97 -28.97
N GLY B 226 -21.00 18.03 -27.69
CA GLY B 226 -21.64 17.15 -26.70
C GLY B 226 -22.92 17.70 -26.07
N ILE B 227 -23.83 16.79 -25.76
CA ILE B 227 -25.06 17.15 -25.04
C ILE B 227 -25.33 16.03 -24.04
N SER B 228 -25.62 16.42 -22.80
CA SER B 228 -25.89 15.47 -21.76
C SER B 228 -27.29 15.69 -21.16
N PRO B 229 -28.28 14.99 -21.71
CA PRO B 229 -29.65 15.21 -21.27
C PRO B 229 -30.19 14.31 -20.15
N GLY B 230 -29.39 13.35 -19.71
CA GLY B 230 -29.90 12.19 -18.96
C GLY B 230 -30.42 12.46 -17.56
N ILE B 231 -30.25 13.71 -17.13
CA ILE B 231 -30.62 14.14 -15.79
C ILE B 231 -32.15 14.11 -15.64
N ASP B 232 -32.84 14.67 -16.62
CA ASP B 232 -34.27 14.87 -16.52
C ASP B 232 -35.04 14.63 -17.85
N ILE B 233 -34.34 14.08 -18.86
CA ILE B 233 -34.94 13.84 -20.17
C ILE B 233 -36.09 12.88 -20.07
N ARG B 234 -37.20 13.22 -20.76
CA ARG B 234 -38.37 12.33 -20.79
C ARG B 234 -38.40 11.53 -22.09
N PHE B 235 -38.92 10.32 -22.01
CA PHE B 235 -38.77 9.34 -23.08
C PHE B 235 -40.07 8.97 -23.74
N ASP B 236 -41.15 8.83 -22.98
CA ASP B 236 -42.39 8.36 -23.59
C ASP B 236 -43.39 9.45 -23.92
N GLY B 237 -44.36 9.11 -24.76
CA GLY B 237 -45.44 10.00 -25.14
C GLY B 237 -44.97 11.38 -25.63
N ASP B 238 -45.96 12.32 -25.54
CA ASP B 238 -45.77 13.73 -25.97
C ASP B 238 -44.53 14.44 -25.35
N ALA B 239 -44.27 14.21 -24.07
CA ALA B 239 -43.08 14.77 -23.40
C ALA B 239 -41.77 14.16 -23.91
N GLY B 240 -41.81 12.86 -24.23
CA GLY B 240 -40.72 12.19 -24.94
C GLY B 240 -40.53 12.87 -26.29
N GLU B 241 -41.64 13.09 -26.98
CA GLU B 241 -41.63 13.82 -28.26
C GLU B 241 -41.07 15.23 -28.11
N GLU B 242 -41.60 15.98 -27.15
CA GLU B 242 -41.13 17.33 -26.83
C GLU B 242 -39.63 17.38 -26.47
N ASP B 243 -39.16 16.44 -25.66
CA ASP B 243 -37.74 16.41 -25.28
C ASP B 243 -36.84 15.97 -26.43
N PHE B 244 -37.30 15.02 -27.24
CA PHE B 244 -36.49 14.60 -28.38
C PHE B 244 -36.32 15.77 -29.34
N ASN B 245 -37.40 16.49 -29.63
CA ASN B 245 -37.29 17.66 -30.50
C ASN B 245 -36.33 18.75 -29.98
N HIS B 246 -36.24 18.91 -28.66
CA HIS B 246 -35.25 19.78 -28.04
C HIS B 246 -33.82 19.36 -28.37
N LEU B 247 -33.58 18.04 -28.46
CA LEU B 247 -32.26 17.54 -28.85
C LEU B 247 -31.93 17.86 -30.30
N ILE B 248 -32.93 17.72 -31.18
CA ILE B 248 -32.78 18.05 -32.59
C ILE B 248 -32.52 19.55 -32.75
N THR B 249 -33.38 20.35 -32.12
CA THR B 249 -33.29 21.80 -32.20
C THR B 249 -31.91 22.27 -31.76
N LYS B 250 -31.48 21.80 -30.60
CA LYS B 250 -30.17 22.12 -30.02
C LYS B 250 -29.00 21.77 -30.95
N ALA B 251 -28.95 20.54 -31.45
CA ALA B 251 -27.94 20.08 -32.41
C ALA B 251 -27.94 20.84 -33.73
N GLU B 252 -29.11 21.24 -34.21
CA GLU B 252 -29.22 21.95 -35.48
C GLU B 252 -28.61 23.36 -35.42
N SER B 253 -28.72 24.02 -34.27
CA SER B 253 -28.23 25.38 -34.12
C SER B 253 -26.71 25.41 -34.23
N LEU B 254 -26.11 24.26 -33.90
CA LEU B 254 -24.69 24.08 -33.95
C LEU B 254 -24.26 23.58 -35.31
N TYR B 255 -25.15 22.83 -35.96
CA TYR B 255 -24.95 22.39 -37.34
C TYR B 255 -24.94 23.57 -38.30
N ASP B 256 -25.80 24.55 -38.04
CA ASP B 256 -25.93 25.73 -38.88
C ASP B 256 -24.72 26.65 -38.74
N MET B 257 -23.91 26.41 -37.71
CA MET B 257 -22.65 27.10 -37.59
C MET B 257 -21.51 26.25 -38.13
N GLY B 258 -21.84 25.05 -38.61
CA GLY B 258 -20.86 24.20 -39.26
C GLY B 258 -20.32 23.00 -38.50
N VAL B 259 -20.94 22.67 -37.36
CA VAL B 259 -20.62 21.42 -36.63
C VAL B 259 -21.09 20.19 -37.41
N ARG B 260 -20.16 19.22 -37.54
CA ARG B 260 -20.41 17.97 -38.26
C ARG B 260 -20.14 16.69 -37.45
N SER B 261 -19.80 16.85 -36.16
CA SER B 261 -19.71 15.71 -35.19
C SER B 261 -20.53 15.99 -33.93
N PHE B 262 -21.23 14.97 -33.45
CA PHE B 262 -22.13 15.10 -32.28
C PHE B 262 -21.98 13.95 -31.26
N ALA B 263 -22.01 14.29 -29.96
CA ALA B 263 -22.04 13.30 -28.88
C ALA B 263 -23.24 13.48 -27.94
N ILE B 264 -23.91 12.37 -27.63
CA ILE B 264 -24.98 12.37 -26.61
C ILE B 264 -24.55 11.45 -25.48
N TYR B 265 -24.49 12.00 -24.28
CA TYR B 265 -23.85 11.33 -23.16
C TYR B 265 -24.81 10.91 -22.06
N TRP B 266 -24.51 9.76 -21.45
CA TRP B 266 -25.39 9.20 -20.41
C TRP B 266 -24.64 8.87 -19.12
N ASP B 267 -23.40 9.32 -19.02
CA ASP B 267 -22.57 9.03 -17.86
C ASP B 267 -23.07 9.83 -16.66
N ASP B 268 -22.81 9.30 -15.47
CA ASP B 268 -23.08 10.04 -14.24
C ASP B 268 -24.55 10.37 -13.92
N ILE B 269 -25.47 9.47 -14.32
CA ILE B 269 -26.90 9.67 -14.03
C ILE B 269 -27.53 8.52 -13.23
N GLN B 270 -28.68 8.82 -12.61
CA GLN B 270 -29.41 7.82 -11.83
C GLN B 270 -30.16 6.84 -12.73
N ASP B 271 -30.84 7.38 -13.73
CA ASP B 271 -31.71 6.60 -14.61
C ASP B 271 -30.91 5.61 -15.44
N LYS B 272 -31.26 4.33 -15.33
CA LYS B 272 -30.59 3.26 -16.05
C LYS B 272 -31.60 2.60 -16.98
N SER B 273 -32.26 3.41 -17.78
CA SER B 273 -33.21 2.94 -18.73
C SER B 273 -32.50 2.70 -20.06
N ALA B 274 -31.81 1.57 -20.13
CA ALA B 274 -30.87 1.23 -21.22
C ALA B 274 -31.47 1.34 -22.61
N ALA B 275 -32.64 0.72 -22.78
CA ALA B 275 -33.30 0.69 -24.07
C ALA B 275 -33.74 2.05 -24.49
N LYS B 276 -34.16 2.89 -23.53
CA LYS B 276 -34.64 4.22 -23.85
C LYS B 276 -33.47 5.11 -24.27
N HIS B 277 -32.36 5.01 -23.53
CA HIS B 277 -31.09 5.69 -23.89
C HIS B 277 -30.70 5.38 -25.35
N ALA B 278 -30.58 4.09 -25.65
CA ALA B 278 -30.19 3.60 -26.96
C ALA B 278 -31.15 4.04 -28.05
N GLN B 279 -32.45 4.09 -27.76
CA GLN B 279 -33.39 4.43 -28.81
C GLN B 279 -33.58 5.94 -29.02
N VAL B 280 -33.20 6.74 -28.02
CA VAL B 280 -33.00 8.15 -28.24
C VAL B 280 -31.82 8.29 -29.20
N LEU B 281 -30.77 7.50 -28.95
CA LEU B 281 -29.57 7.52 -29.77
C LEU B 281 -29.85 7.11 -31.21
N ASN B 282 -30.71 6.10 -31.38
CA ASN B 282 -30.99 5.59 -32.71
C ASN B 282 -31.87 6.52 -33.52
N ARG B 283 -32.87 7.12 -32.87
CA ARG B 283 -33.73 8.09 -33.52
C ARG B 283 -32.93 9.32 -33.95
N PHE B 284 -31.93 9.73 -33.16
CA PHE B 284 -31.07 10.87 -33.53
C PHE B 284 -30.21 10.48 -34.71
N ASN B 285 -29.69 9.26 -34.67
CA ASN B 285 -28.88 8.73 -35.76
C ASN B 285 -29.66 8.76 -37.07
N GLU B 286 -30.91 8.31 -37.01
CA GLU B 286 -31.78 8.21 -38.16
C GLU B 286 -32.21 9.60 -38.63
N GLU B 287 -32.73 10.41 -37.70
CA GLU B 287 -33.37 11.67 -38.09
C GLU B 287 -32.43 12.86 -38.24
N PHE B 288 -31.25 12.78 -37.64
CA PHE B 288 -30.29 13.87 -37.77
C PHE B 288 -29.09 13.44 -38.60
N VAL B 289 -28.32 12.49 -38.10
CA VAL B 289 -27.06 12.07 -38.71
C VAL B 289 -27.23 11.61 -40.16
N LYS B 290 -28.10 10.62 -40.36
CA LYS B 290 -28.31 10.03 -41.69
C LYS B 290 -29.03 10.99 -42.63
N ALA B 291 -29.97 11.75 -42.08
CA ALA B 291 -30.78 12.69 -42.87
C ALA B 291 -29.95 13.86 -43.38
N LYS B 292 -29.05 14.38 -42.55
CA LYS B 292 -28.13 15.43 -43.00
C LYS B 292 -27.06 14.99 -44.01
N GLY B 293 -26.61 13.74 -43.90
CA GLY B 293 -25.75 13.12 -44.93
C GLY B 293 -24.25 13.35 -44.78
N ASP B 294 -23.86 14.48 -44.22
CA ASP B 294 -22.43 14.82 -44.06
C ASP B 294 -21.98 14.86 -42.60
N VAL B 295 -22.65 14.09 -41.74
CA VAL B 295 -22.32 14.08 -40.31
C VAL B 295 -21.59 12.77 -39.92
N LYS B 296 -20.54 12.89 -39.12
CA LYS B 296 -19.69 11.76 -38.74
C LYS B 296 -20.46 10.86 -37.78
N PRO B 297 -19.99 9.60 -37.56
CA PRO B 297 -20.69 8.75 -36.61
C PRO B 297 -20.98 9.41 -35.26
N LEU B 298 -22.23 9.22 -34.81
CA LEU B 298 -22.72 9.65 -33.52
C LEU B 298 -21.91 8.99 -32.42
N ILE B 299 -21.50 9.79 -31.42
CA ILE B 299 -20.68 9.36 -30.30
C ILE B 299 -21.52 9.35 -29.03
N THR B 300 -21.28 8.35 -28.17
CA THR B 300 -22.01 8.23 -26.91
C THR B 300 -21.13 7.67 -25.80
N VAL B 301 -21.61 7.82 -24.56
CA VAL B 301 -21.13 7.05 -23.43
C VAL B 301 -22.35 6.57 -22.62
N PRO B 302 -22.43 5.24 -22.28
CA PRO B 302 -23.56 4.72 -21.52
C PRO B 302 -23.43 5.01 -20.02
N THR B 303 -24.50 4.74 -19.26
CA THR B 303 -24.50 4.97 -17.78
C THR B 303 -23.58 3.98 -17.06
N GLU B 304 -23.49 2.76 -17.61
CA GLU B 304 -22.36 1.88 -17.31
C GLU B 304 -21.26 2.09 -18.34
N TYR B 305 -20.13 2.66 -17.92
CA TYR B 305 -19.07 3.05 -18.86
C TYR B 305 -17.66 2.61 -18.47
N ASP B 306 -17.52 1.87 -17.39
CA ASP B 306 -16.24 1.23 -17.05
C ASP B 306 -16.54 -0.23 -16.78
N THR B 307 -15.50 -1.07 -16.83
CA THR B 307 -15.71 -2.54 -16.83
C THR B 307 -16.34 -3.06 -15.56
N GLY B 308 -15.90 -2.51 -14.42
CA GLY B 308 -16.46 -2.87 -13.12
C GLY B 308 -17.96 -2.65 -13.12
N ALA B 309 -18.39 -1.50 -13.65
CA ALA B 309 -19.80 -1.12 -13.74
C ALA B 309 -20.55 -1.91 -14.79
N MET B 310 -19.85 -2.32 -15.87
CA MET B 310 -20.50 -2.91 -17.05
C MET B 310 -20.62 -4.41 -17.02
N VAL B 311 -19.75 -5.03 -16.23
CA VAL B 311 -19.54 -6.47 -16.32
C VAL B 311 -19.52 -7.07 -14.93
N SER B 312 -20.07 -8.29 -14.83
CA SER B 312 -19.99 -9.11 -13.65
C SER B 312 -19.84 -10.56 -14.11
N ASN B 313 -18.88 -11.28 -13.51
CA ASN B 313 -18.59 -12.68 -13.87
C ASN B 313 -18.44 -12.89 -15.38
N GLY B 314 -17.66 -12.02 -16.03
CA GLY B 314 -17.38 -12.13 -17.47
C GLY B 314 -18.57 -11.87 -18.40
N GLN B 315 -19.75 -11.62 -17.82
CA GLN B 315 -20.95 -11.33 -18.62
C GLN B 315 -21.40 -9.89 -18.40
N PRO B 316 -21.94 -9.25 -19.45
CA PRO B 316 -22.52 -7.91 -19.36
C PRO B 316 -23.60 -7.86 -18.28
N ARG B 317 -23.57 -6.85 -17.42
CA ARG B 317 -24.71 -6.63 -16.56
C ARG B 317 -25.92 -6.23 -17.41
N ALA B 318 -27.11 -6.25 -16.81
CA ALA B 318 -28.35 -6.05 -17.54
C ALA B 318 -28.40 -4.76 -18.41
N TYR B 319 -28.02 -3.62 -17.83
CA TYR B 319 -28.06 -2.35 -18.57
C TYR B 319 -27.18 -2.42 -19.82
N THR B 320 -25.93 -2.84 -19.64
CA THR B 320 -24.96 -2.97 -20.74
C THR B 320 -25.42 -3.94 -21.79
N ARG B 321 -26.00 -5.06 -21.37
CA ARG B 321 -26.59 -6.03 -22.32
C ARG B 321 -27.69 -5.43 -23.21
N ILE B 322 -28.63 -4.71 -22.61
CA ILE B 322 -29.73 -4.07 -23.37
C ILE B 322 -29.27 -2.87 -24.23
N PHE B 323 -28.35 -2.06 -23.70
CA PHE B 323 -27.77 -0.96 -24.47
C PHE B 323 -27.07 -1.53 -25.71
N ALA B 324 -26.08 -2.41 -25.52
CA ALA B 324 -25.40 -3.14 -26.61
C ALA B 324 -26.34 -3.79 -27.63
N GLU B 325 -27.40 -4.45 -27.16
CA GLU B 325 -28.32 -5.10 -28.13
C GLU B 325 -29.20 -4.09 -28.88
N THR B 326 -29.36 -2.90 -28.31
CA THR B 326 -30.23 -1.89 -28.90
C THR B 326 -29.50 -0.85 -29.77
N VAL B 327 -28.35 -0.37 -29.31
CA VAL B 327 -27.68 0.75 -29.97
C VAL B 327 -27.19 0.40 -31.39
N ASP B 328 -27.52 1.25 -32.36
CA ASP B 328 -27.12 1.06 -33.75
C ASP B 328 -25.61 0.82 -33.86
N PRO B 329 -25.18 -0.05 -34.80
CA PRO B 329 -23.75 -0.43 -34.94
C PRO B 329 -22.79 0.69 -35.41
N SER B 330 -23.33 1.74 -36.04
CA SER B 330 -22.54 2.88 -36.55
C SER B 330 -22.19 3.89 -35.47
N ILE B 331 -22.89 3.83 -34.34
CA ILE B 331 -22.69 4.73 -33.22
C ILE B 331 -21.43 4.33 -32.43
N GLU B 332 -20.58 5.31 -32.15
CA GLU B 332 -19.36 5.12 -31.38
C GLU B 332 -19.65 5.19 -29.88
N VAL B 333 -19.26 4.13 -29.18
CA VAL B 333 -19.54 4.00 -27.78
C VAL B 333 -18.19 4.08 -27.10
N MET B 334 -18.12 4.92 -26.06
CA MET B 334 -16.88 5.13 -25.30
C MET B 334 -16.94 4.32 -23.99
N TRP B 335 -15.77 3.93 -23.48
CA TRP B 335 -15.71 3.45 -22.11
C TRP B 335 -14.35 3.89 -21.55
N THR B 336 -14.20 3.82 -20.24
CA THR B 336 -13.04 4.39 -19.58
C THR B 336 -11.92 3.38 -19.24
N GLY B 337 -12.11 2.11 -19.58
CA GLY B 337 -11.26 1.03 -19.12
C GLY B 337 -11.91 0.25 -17.98
N PRO B 338 -11.12 -0.55 -17.25
CA PRO B 338 -11.54 -1.36 -16.09
C PRO B 338 -12.21 -0.62 -14.93
N GLY B 339 -11.95 0.68 -14.80
CA GLY B 339 -12.52 1.52 -13.76
C GLY B 339 -12.66 2.91 -14.35
N VAL B 340 -13.31 3.83 -13.61
CA VAL B 340 -13.46 5.24 -14.03
C VAL B 340 -12.10 5.93 -14.14
N VAL B 341 -11.32 5.82 -13.06
CA VAL B 341 -9.91 6.20 -13.05
C VAL B 341 -9.13 4.97 -12.60
N THR B 342 -8.33 4.44 -13.51
CA THR B 342 -7.77 3.11 -13.32
C THR B 342 -6.29 3.07 -13.76
N ASN B 343 -5.51 2.13 -13.22
CA ASN B 343 -4.09 2.02 -13.62
C ASN B 343 -3.87 1.78 -15.11
N GLU B 344 -4.66 0.91 -15.71
CA GLU B 344 -4.32 0.33 -16.97
C GLU B 344 -5.55 0.06 -17.79
N ILE B 345 -5.37 0.03 -19.13
CA ILE B 345 -6.29 -0.69 -19.97
C ILE B 345 -5.47 -1.80 -20.65
N PRO B 346 -5.53 -3.00 -20.06
CA PRO B 346 -4.85 -4.08 -20.75
C PRO B 346 -5.72 -4.56 -21.91
N LEU B 347 -5.08 -5.19 -22.89
CA LEU B 347 -5.71 -5.67 -24.10
C LEU B 347 -6.93 -6.55 -23.80
N SER B 348 -6.82 -7.38 -22.77
CA SER B 348 -7.92 -8.26 -22.38
C SER B 348 -9.19 -7.45 -22.06
N ASP B 349 -9.01 -6.24 -21.52
CA ASP B 349 -10.17 -5.41 -21.20
C ASP B 349 -10.84 -4.87 -22.46
N ALA B 350 -10.05 -4.29 -23.35
CA ALA B 350 -10.60 -3.79 -24.60
C ALA B 350 -11.25 -4.92 -25.41
N GLN B 351 -10.63 -6.09 -25.39
CA GLN B 351 -11.17 -7.27 -26.07
C GLN B 351 -12.55 -7.65 -25.54
N LEU B 352 -12.66 -7.70 -24.20
CA LEU B 352 -13.92 -8.02 -23.52
C LEU B 352 -15.02 -7.03 -23.92
N ILE B 353 -14.72 -5.74 -23.77
CA ILE B 353 -15.68 -4.68 -24.02
C ILE B 353 -16.08 -4.59 -25.49
N SER B 354 -15.10 -4.71 -26.37
CA SER B 354 -15.29 -4.71 -27.82
C SER B 354 -16.23 -5.85 -28.28
N GLY B 355 -16.04 -7.04 -27.70
CA GLY B 355 -16.88 -8.22 -28.02
C GLY B 355 -18.31 -8.04 -27.50
N ILE B 356 -18.44 -7.42 -26.34
CA ILE B 356 -19.75 -7.12 -25.78
C ILE B 356 -20.55 -6.19 -26.72
N TYR B 357 -19.89 -5.22 -27.33
CA TYR B 357 -20.55 -4.27 -28.26
C TYR B 357 -20.41 -4.61 -29.75
N ASN B 358 -19.67 -5.68 -30.03
CA ASN B 358 -19.45 -6.14 -31.40
C ASN B 358 -19.02 -5.00 -32.35
N ARG B 359 -18.06 -4.20 -31.89
CA ARG B 359 -17.62 -2.99 -32.59
C ARG B 359 -16.32 -2.54 -31.98
N ASN B 360 -15.53 -1.78 -32.76
CA ASN B 360 -14.37 -1.07 -32.20
C ASN B 360 -14.87 0.03 -31.28
N MET B 361 -14.22 0.15 -30.13
CA MET B 361 -14.63 1.02 -29.05
C MET B 361 -13.88 2.34 -29.11
N ALA B 362 -14.44 3.35 -28.43
CA ALA B 362 -13.75 4.60 -28.20
C ALA B 362 -13.37 4.61 -26.74
N VAL B 363 -12.22 5.22 -26.42
CA VAL B 363 -11.80 5.38 -25.05
C VAL B 363 -12.00 6.80 -24.60
N TRP B 364 -12.53 6.92 -23.38
CA TRP B 364 -12.62 8.15 -22.64
C TRP B 364 -11.64 7.97 -21.49
N TRP B 365 -10.45 8.56 -21.59
CA TRP B 365 -9.39 8.27 -20.61
C TRP B 365 -9.27 9.34 -19.55
N ASN B 366 -9.64 8.99 -18.32
CA ASN B 366 -9.67 9.96 -17.24
C ASN B 366 -8.29 10.27 -16.66
N TYR B 367 -7.39 10.76 -17.53
CA TYR B 367 -6.06 11.25 -17.15
C TYR B 367 -5.63 12.21 -18.28
N PRO B 368 -5.17 13.43 -17.95
CA PRO B 368 -4.83 13.97 -16.64
C PRO B 368 -5.93 14.62 -15.76
N VAL B 369 -7.23 14.44 -16.07
CA VAL B 369 -8.30 15.06 -15.25
C VAL B 369 -8.02 14.90 -13.74
N THR B 370 -8.20 16.00 -12.99
CA THR B 370 -8.05 15.98 -11.53
C THR B 370 -9.30 16.42 -10.73
N ASP B 371 -10.49 16.43 -11.36
CA ASP B 371 -11.67 17.02 -10.69
C ASP B 371 -12.01 16.33 -9.37
N TYR B 372 -11.57 15.10 -9.27
CA TYR B 372 -11.97 14.27 -8.17
C TYR B 372 -10.98 14.38 -7.02
N PHE B 373 -9.85 15.04 -7.28
CA PHE B 373 -8.75 15.21 -6.33
C PHE B 373 -7.92 16.43 -6.77
N LYS B 374 -8.53 17.61 -6.64
CA LYS B 374 -8.05 18.85 -7.24
C LYS B 374 -6.76 19.45 -6.71
N GLY B 375 -6.37 19.07 -5.49
CA GLY B 375 -5.12 19.58 -4.89
C GLY B 375 -3.87 19.22 -5.71
N LYS B 376 -3.93 18.10 -6.42
CA LYS B 376 -2.77 17.61 -7.15
C LYS B 376 -2.88 17.87 -8.66
N LEU B 377 -1.75 18.27 -9.24
CA LEU B 377 -1.61 18.31 -10.70
C LEU B 377 -1.18 16.98 -11.29
N ALA B 378 -1.82 16.59 -12.39
CA ALA B 378 -1.49 15.33 -13.05
C ALA B 378 -0.58 15.63 -14.23
N LEU B 379 0.70 15.44 -14.01
CA LEU B 379 1.73 15.93 -14.94
C LEU B 379 2.54 14.83 -15.59
N GLY B 380 2.00 13.60 -15.60
CA GLY B 380 2.69 12.45 -16.19
C GLY B 380 2.24 12.05 -17.61
N PRO B 381 2.89 11.03 -18.21
CA PRO B 381 2.59 10.61 -19.54
C PRO B 381 1.40 9.66 -19.53
N MET B 382 0.87 9.31 -20.71
CA MET B 382 -0.07 8.19 -20.82
C MET B 382 0.70 7.01 -20.26
N HIS B 383 0.03 6.27 -19.36
CA HIS B 383 0.65 5.18 -18.64
C HIS B 383 -0.39 4.07 -18.39
N GLY B 384 -0.02 2.82 -18.66
CA GLY B 384 -0.88 1.66 -18.42
C GLY B 384 -1.72 1.27 -19.64
N LEU B 385 -1.60 2.07 -20.71
CA LEU B 385 -2.36 1.79 -21.94
C LEU B 385 -1.59 0.80 -22.80
N ASP B 386 -2.23 -0.33 -23.06
CA ASP B 386 -1.64 -1.39 -23.85
C ASP B 386 -1.20 -0.86 -25.23
N LYS B 387 -0.04 -1.31 -25.70
CA LYS B 387 0.50 -0.94 -27.04
C LYS B 387 -0.31 -1.47 -28.21
N GLY B 388 -1.11 -2.50 -27.99
CA GLY B 388 -1.93 -3.02 -29.09
C GLY B 388 -3.41 -2.70 -28.99
N LEU B 389 -3.75 -1.66 -28.23
CA LEU B 389 -5.13 -1.24 -27.99
C LEU B 389 -5.89 -0.99 -29.29
N ASN B 390 -5.17 -0.46 -30.28
CA ASN B 390 -5.68 -0.17 -31.61
C ASN B 390 -6.37 -1.34 -32.33
N GLN B 391 -6.20 -2.54 -31.78
CA GLN B 391 -6.88 -3.74 -32.31
C GLN B 391 -8.39 -3.65 -32.04
N TYR B 392 -8.74 -3.09 -30.90
CA TYR B 392 -10.12 -3.06 -30.42
C TYR B 392 -10.67 -1.64 -30.27
N VAL B 393 -9.80 -0.65 -30.47
CA VAL B 393 -10.09 0.77 -30.25
C VAL B 393 -9.70 1.57 -31.49
N ASP B 394 -10.64 2.39 -31.97
CA ASP B 394 -10.43 3.19 -33.17
C ASP B 394 -10.55 4.70 -32.88
N PHE B 395 -10.69 5.05 -31.60
CA PHE B 395 -11.12 6.39 -31.22
C PHE B 395 -10.65 6.68 -29.78
N PHE B 396 -9.67 7.57 -29.62
CA PHE B 396 -8.99 7.73 -28.32
C PHE B 396 -8.90 9.18 -27.84
N THR B 397 -9.42 9.45 -26.65
CA THR B 397 -9.45 10.82 -26.14
C THR B 397 -9.11 10.81 -24.67
N VAL B 398 -8.58 11.92 -24.19
CA VAL B 398 -8.30 12.06 -22.80
C VAL B 398 -9.18 13.15 -22.19
N ASN B 399 -9.52 12.95 -20.93
CA ASN B 399 -10.20 13.92 -20.14
C ASN B 399 -9.08 14.60 -19.37
N PRO B 400 -8.84 15.89 -19.66
CA PRO B 400 -7.77 16.71 -19.10
C PRO B 400 -8.15 17.44 -17.79
N MET B 401 -7.28 18.31 -17.30
CA MET B 401 -7.56 19.06 -16.10
C MET B 401 -8.27 20.37 -16.48
N GLU B 402 -8.91 20.98 -15.50
CA GLU B 402 -9.38 22.35 -15.62
C GLU B 402 -8.20 23.31 -15.83
N HIS B 403 -6.99 22.80 -15.56
CA HIS B 403 -5.73 23.50 -15.76
C HIS B 403 -5.24 23.21 -17.18
N ALA B 404 -5.62 24.12 -18.07
CA ALA B 404 -5.48 23.91 -19.50
C ALA B 404 -4.03 23.84 -19.93
N GLU B 405 -3.22 24.76 -19.42
CA GLU B 405 -1.82 24.89 -19.79
C GLU B 405 -0.99 23.67 -19.39
N LEU B 406 -1.09 23.29 -18.12
CA LEU B 406 -0.30 22.16 -17.58
C LEU B 406 -0.77 20.81 -18.11
N SER B 407 -2.03 20.74 -18.53
CA SER B 407 -2.57 19.56 -19.22
C SER B 407 -1.77 19.19 -20.49
N LYS B 408 -1.05 20.16 -21.03
CA LYS B 408 -0.37 19.95 -22.30
C LYS B 408 0.74 18.89 -22.25
N ILE B 409 1.36 18.74 -21.09
CA ILE B 409 2.44 17.77 -20.92
C ILE B 409 1.90 16.37 -21.23
N SER B 410 0.86 15.99 -20.48
CA SER B 410 0.21 14.72 -20.67
C SER B 410 -0.47 14.59 -22.05
N ILE B 411 -1.12 15.65 -22.51
CA ILE B 411 -1.80 15.62 -23.81
C ILE B 411 -0.83 15.40 -24.97
N HIS B 412 0.33 16.06 -24.87
CA HIS B 412 1.47 15.90 -25.77
C HIS B 412 1.83 14.42 -25.87
N THR B 413 1.90 13.72 -24.73
CA THR B 413 2.18 12.26 -24.75
C THR B 413 1.07 11.40 -25.40
N ALA B 414 -0.18 11.83 -25.20
CA ALA B 414 -1.35 11.19 -25.81
C ALA B 414 -1.33 11.29 -27.33
N ALA B 415 -0.82 12.42 -27.83
CA ALA B 415 -0.60 12.61 -29.27
C ALA B 415 0.35 11.55 -29.85
N ASP B 416 1.50 11.38 -29.20
CA ASP B 416 2.45 10.34 -29.57
C ASP B 416 1.89 8.93 -29.37
N TYR B 417 1.21 8.69 -28.26
CA TYR B 417 0.66 7.37 -28.01
C TYR B 417 -0.32 7.01 -29.12
N SER B 418 -1.21 7.94 -29.46
CA SER B 418 -2.30 7.59 -30.38
C SER B 418 -1.92 7.65 -31.86
N TRP B 419 -0.88 8.42 -32.18
CA TRP B 419 -0.39 8.46 -33.57
C TRP B 419 0.55 7.31 -33.86
N ASN B 420 1.40 6.96 -32.90
CA ASN B 420 2.40 5.93 -33.08
C ASN B 420 2.44 5.03 -31.87
N MET B 421 1.49 4.11 -31.83
CA MET B 421 1.16 3.42 -30.59
C MET B 421 2.18 2.34 -30.24
N ASP B 422 2.67 1.70 -31.28
CA ASP B 422 3.55 0.57 -31.12
C ASP B 422 4.93 0.93 -30.59
N ASN B 423 5.44 2.11 -30.94
CA ASN B 423 6.77 2.48 -30.49
C ASN B 423 6.80 3.38 -29.25
N TYR B 424 5.60 3.65 -28.70
CA TYR B 424 5.40 4.57 -27.59
C TYR B 424 6.15 4.14 -26.33
N ASP B 425 7.05 5.03 -25.89
CA ASP B 425 7.84 4.86 -24.69
C ASP B 425 7.42 6.01 -23.77
N TYR B 426 6.70 5.68 -22.70
CA TYR B 426 6.12 6.70 -21.83
C TYR B 426 7.20 7.61 -21.20
N ASP B 427 8.35 7.05 -20.86
CA ASP B 427 9.38 7.85 -20.23
C ASP B 427 10.06 8.79 -21.22
N LYS B 428 10.38 8.29 -22.40
CA LYS B 428 10.90 9.14 -23.46
C LYS B 428 9.90 10.22 -23.90
N ALA B 429 8.65 9.85 -24.04
CA ALA B 429 7.61 10.77 -24.46
C ALA B 429 7.35 11.83 -23.37
N TRP B 430 7.37 11.42 -22.11
CA TRP B 430 7.27 12.37 -21.01
C TRP B 430 8.43 13.38 -21.06
N ASN B 431 9.65 12.89 -21.22
CA ASN B 431 10.82 13.80 -21.34
C ASN B 431 10.70 14.76 -22.52
N ARG B 432 10.32 14.21 -23.67
CA ARG B 432 10.18 14.99 -24.89
C ARG B 432 9.04 16.01 -24.78
N ALA B 433 8.00 15.69 -24.01
CA ALA B 433 6.88 16.60 -23.87
C ALA B 433 7.38 17.89 -23.19
N ILE B 434 8.16 17.70 -22.11
CA ILE B 434 8.64 18.81 -21.30
C ILE B 434 9.74 19.58 -21.98
N ASP B 435 10.65 18.88 -22.65
CA ASP B 435 11.67 19.52 -23.50
C ASP B 435 11.06 20.46 -24.54
N MET B 436 10.13 19.94 -25.32
CA MET B 436 9.47 20.72 -26.39
C MET B 436 8.62 21.89 -25.84
N LEU B 437 7.96 21.63 -24.72
CA LEU B 437 7.06 22.62 -24.14
C LEU B 437 7.79 23.71 -23.35
N TYR B 438 8.91 23.34 -22.72
CA TYR B 438 9.53 24.24 -21.72
C TYR B 438 10.87 24.86 -22.08
N GLY B 439 11.55 24.32 -23.10
CA GLY B 439 12.77 24.97 -23.61
C GLY B 439 13.86 25.06 -22.55
N ASP B 440 14.35 26.27 -22.29
CA ASP B 440 15.40 26.44 -21.27
C ASP B 440 14.98 26.02 -19.83
N LEU B 441 13.69 25.96 -19.52
CA LEU B 441 13.22 25.55 -18.19
C LEU B 441 12.82 24.07 -18.06
N ALA B 442 13.11 23.27 -19.09
CA ALA B 442 12.68 21.88 -19.16
C ALA B 442 13.25 21.03 -18.04
N GLU B 443 14.54 21.18 -17.76
CA GLU B 443 15.19 20.34 -16.77
C GLU B 443 14.60 20.63 -15.40
N ASP B 444 14.42 21.91 -15.09
CA ASP B 444 13.75 22.33 -13.85
C ASP B 444 12.33 21.80 -13.76
N MET B 445 11.56 21.98 -14.82
CA MET B 445 10.16 21.51 -14.81
C MET B 445 10.04 20.00 -14.68
N LYS B 446 10.98 19.25 -15.29
CA LYS B 446 11.10 17.78 -15.06
C LYS B 446 11.25 17.41 -13.57
N VAL B 447 12.12 18.13 -12.87
CA VAL B 447 12.30 17.86 -11.42
C VAL B 447 10.97 17.93 -10.66
N PHE B 448 10.20 18.98 -10.96
CA PHE B 448 8.93 19.24 -10.32
C PHE B 448 7.83 18.28 -10.82
N ALA B 449 7.61 18.27 -12.13
CA ALA B 449 6.62 17.37 -12.73
C ALA B 449 6.83 15.90 -12.35
N ASN B 450 8.08 15.48 -12.25
CA ASN B 450 8.45 14.13 -11.79
C ASN B 450 7.80 13.67 -10.47
N HIS B 451 7.51 14.63 -9.59
CA HIS B 451 6.93 14.38 -8.28
C HIS B 451 5.43 14.48 -8.28
N SER B 452 4.84 14.57 -9.46
CA SER B 452 3.39 14.87 -9.57
C SER B 452 2.75 14.17 -10.73
N THR B 453 2.98 12.87 -10.83
CA THR B 453 2.49 12.09 -11.97
C THR B 453 1.39 11.11 -11.53
N ARG B 454 1.43 10.74 -10.24
CA ARG B 454 0.58 9.71 -9.67
C ARG B 454 -0.73 10.28 -9.08
N MET B 455 -1.87 9.81 -9.58
CA MET B 455 -3.14 10.21 -9.00
C MET B 455 -3.73 9.08 -8.16
N ASP B 456 -4.20 9.43 -6.97
CA ASP B 456 -4.75 8.45 -6.03
C ASP B 456 -5.58 9.21 -5.00
N ASN B 457 -6.89 9.01 -5.01
CA ASN B 457 -7.79 9.63 -4.01
C ASN B 457 -8.04 8.74 -2.78
N LYS B 458 -7.33 7.62 -2.72
CA LYS B 458 -7.40 6.69 -1.55
C LYS B 458 -8.57 5.69 -1.55
N THR B 459 -9.48 5.82 -2.52
CA THR B 459 -10.59 4.90 -2.68
C THR B 459 -10.63 4.43 -4.12
N TRP B 460 -11.54 5.00 -4.91
CA TRP B 460 -11.92 4.46 -6.21
C TRP B 460 -11.02 4.91 -7.38
N ALA B 461 -10.29 6.00 -7.21
CA ALA B 461 -9.54 6.60 -8.30
C ALA B 461 -8.03 6.49 -8.11
N LYS B 462 -7.35 5.84 -9.05
CA LYS B 462 -5.90 5.79 -9.06
C LYS B 462 -5.40 5.45 -10.47
N SER B 463 -4.45 6.25 -10.94
CA SER B 463 -3.84 6.08 -12.24
C SER B 463 -2.62 6.98 -12.30
N GLY B 464 -1.78 6.70 -13.29
CA GLY B 464 -0.58 7.46 -13.51
C GLY B 464 0.64 6.69 -13.09
N ARG B 465 1.77 7.08 -13.68
CA ARG B 465 3.10 6.66 -13.28
C ARG B 465 3.35 7.11 -11.82
N GLU B 466 4.01 6.24 -11.06
CA GLU B 466 4.42 6.54 -9.69
C GLU B 466 5.29 7.80 -9.70
N ASP B 467 5.12 8.62 -8.67
CA ASP B 467 5.94 9.80 -8.44
C ASP B 467 7.40 9.40 -8.29
N ALA B 468 8.30 10.24 -8.80
CA ALA B 468 9.75 10.15 -8.63
C ALA B 468 10.27 8.75 -8.27
N PRO B 469 10.11 7.76 -9.19
CA PRO B 469 10.48 6.35 -8.87
C PRO B 469 11.96 6.10 -8.49
N GLU B 470 12.87 6.83 -9.10
CA GLU B 470 14.30 6.66 -8.83
C GLU B 470 14.63 7.12 -7.40
N LEU B 471 14.03 8.25 -7.02
CA LEU B 471 14.18 8.81 -5.70
C LEU B 471 13.53 7.90 -4.64
N ARG B 472 12.35 7.42 -4.95
CA ARG B 472 11.71 6.43 -4.12
C ARG B 472 12.65 5.24 -3.85
N ALA B 473 13.38 4.78 -4.87
CA ALA B 473 14.28 3.63 -4.72
C ALA B 473 15.48 3.97 -3.85
N LYS B 474 16.07 5.14 -4.06
CA LYS B 474 17.14 5.61 -3.17
C LYS B 474 16.69 5.68 -1.71
N MET B 475 15.49 6.20 -1.46
CA MET B 475 14.95 6.29 -0.09
C MET B 475 14.83 4.90 0.54
N ASP B 476 14.28 3.96 -0.21
CA ASP B 476 14.14 2.58 0.26
C ASP B 476 15.48 2.00 0.63
N GLU B 477 16.50 2.33 -0.15
CA GLU B 477 17.81 1.76 0.03
C GLU B 477 18.47 2.33 1.29
N LEU B 478 18.25 3.61 1.53
CA LEU B 478 18.64 4.27 2.78
C LEU B 478 18.12 3.51 4.01
N TRP B 479 16.82 3.21 4.05
CA TRP B 479 16.27 2.42 5.15
C TRP B 479 16.82 1.00 5.22
N ASN B 480 17.01 0.39 4.06
CA ASN B 480 17.52 -0.98 4.02
C ASN B 480 18.90 -0.99 4.67
N LYS B 481 19.74 -0.02 4.29
CA LYS B 481 21.11 0.12 4.80
C LYS B 481 21.12 0.38 6.27
N LEU B 482 20.33 1.34 6.72
CA LEU B 482 20.33 1.75 8.11
C LEU B 482 19.81 0.66 9.05
N SER B 483 18.78 -0.05 8.64
CA SER B 483 18.22 -1.10 9.49
C SER B 483 19.12 -2.32 9.51
N SER B 484 20.00 -2.42 8.52
CA SER B 484 21.01 -3.47 8.43
C SER B 484 22.28 -3.07 9.19
N LYS B 485 22.30 -1.86 9.74
CA LYS B 485 23.51 -1.34 10.39
C LYS B 485 24.68 -1.16 9.40
N GLU B 486 24.37 -0.99 8.12
CA GLU B 486 25.41 -0.75 7.12
C GLU B 486 25.69 0.76 6.98
N ASP B 487 26.89 1.10 6.50
CA ASP B 487 27.23 2.50 6.38
C ASP B 487 26.36 3.10 5.30
N ALA B 488 25.79 4.27 5.56
CA ALA B 488 24.90 4.86 4.57
C ALA B 488 25.31 6.28 4.24
N SER B 489 26.55 6.65 4.55
CA SER B 489 26.99 8.03 4.42
C SER B 489 27.03 8.57 2.97
N ALA B 490 27.38 7.71 2.01
CA ALA B 490 27.40 8.10 0.58
C ALA B 490 25.99 8.33 0.06
N LEU B 491 25.05 7.50 0.49
CA LEU B 491 23.65 7.63 0.10
C LEU B 491 23.01 8.88 0.71
N ILE B 492 23.34 9.13 1.98
CA ILE B 492 22.86 10.28 2.71
C ILE B 492 23.26 11.57 1.99
N GLU B 493 24.53 11.67 1.61
CA GLU B 493 25.07 12.82 0.89
C GLU B 493 24.32 12.93 -0.45
N GLU B 494 24.17 11.81 -1.10
CA GLU B 494 23.46 11.78 -2.37
C GLU B 494 22.04 12.34 -2.26
N LEU B 495 21.33 11.95 -1.19
CA LEU B 495 19.97 12.41 -0.97
C LEU B 495 19.90 13.91 -0.63
N TYR B 496 20.87 14.42 0.13
CA TYR B 496 20.97 15.85 0.33
C TYR B 496 21.03 16.61 -1.01
N GLY B 497 21.72 16.03 -2.01
CA GLY B 497 21.81 16.60 -3.35
C GLY B 497 20.49 16.61 -4.12
N GLU B 498 19.73 15.54 -4.00
CA GLU B 498 18.42 15.46 -4.58
C GLU B 498 17.48 16.50 -3.98
N PHE B 499 17.54 16.66 -2.65
CA PHE B 499 16.58 17.51 -1.97
C PHE B 499 16.89 18.96 -2.30
N ALA B 500 18.19 19.29 -2.33
CA ALA B 500 18.68 20.62 -2.71
C ALA B 500 18.31 20.93 -4.14
N ARG B 501 18.36 19.93 -5.00
CA ARG B 501 17.96 20.11 -6.39
C ARG B 501 16.46 20.40 -6.53
N MET B 502 15.63 19.69 -5.77
CA MET B 502 14.18 19.88 -5.78
C MET B 502 13.80 21.30 -5.43
N GLU B 503 14.44 21.81 -4.38
CA GLU B 503 14.19 23.15 -3.94
C GLU B 503 14.68 24.18 -4.94
N GLU B 504 15.85 23.95 -5.53
CA GLU B 504 16.39 24.92 -6.48
C GLU B 504 15.59 25.01 -7.80
N ALA B 505 15.21 23.86 -8.33
CA ALA B 505 14.35 23.76 -9.51
C ALA B 505 12.99 24.46 -9.31
N CYS B 506 12.35 24.22 -8.16
CA CYS B 506 11.08 24.89 -7.84
C CYS B 506 11.17 26.43 -7.73
N ASN B 507 12.23 26.92 -7.10
CA ASN B 507 12.50 28.32 -7.00
C ASN B 507 12.80 28.96 -8.35
N ASN B 508 13.61 28.29 -9.17
CA ASN B 508 13.86 28.80 -10.50
C ASN B 508 12.56 28.82 -11.33
N LEU B 509 11.68 27.87 -11.07
CA LEU B 509 10.38 27.84 -11.73
C LEU B 509 9.50 29.00 -11.31
N LYS B 510 9.47 29.29 -10.00
CA LYS B 510 8.68 30.40 -9.47
C LYS B 510 9.12 31.73 -10.06
N ALA B 511 10.40 31.81 -10.39
CA ALA B 511 11.01 33.05 -10.86
C ALA B 511 10.90 33.20 -12.37
N ASN B 512 10.78 32.08 -13.09
CA ASN B 512 10.90 32.12 -14.55
C ASN B 512 9.79 31.52 -15.35
N LEU B 513 8.88 30.79 -14.71
CA LEU B 513 7.76 30.21 -15.44
C LEU B 513 6.88 31.35 -15.92
N PRO B 514 6.46 31.27 -17.18
CA PRO B 514 5.39 32.16 -17.65
C PRO B 514 4.15 32.05 -16.73
N GLU B 515 3.53 33.21 -16.50
CA GLU B 515 2.32 33.35 -15.70
C GLU B 515 1.18 32.36 -16.02
N VAL B 516 1.03 32.00 -17.29
CA VAL B 516 -0.02 31.07 -17.67
C VAL B 516 0.22 29.71 -16.99
N ALA B 517 1.49 29.32 -16.89
CA ALA B 517 1.85 28.06 -16.21
C ALA B 517 1.90 28.28 -14.70
N LEU B 518 2.56 29.35 -14.26
CA LEU B 518 2.70 29.62 -12.83
C LEU B 518 1.36 29.74 -12.08
N GLU B 519 0.38 30.43 -12.66
CA GLU B 519 -0.96 30.54 -12.07
C GLU B 519 -1.63 29.18 -11.76
N GLU B 520 -1.32 28.16 -12.54
CA GLU B 520 -1.89 26.83 -12.32
C GLU B 520 -1.17 26.02 -11.23
N CYS B 521 0.10 26.33 -10.96
CA CYS B 521 0.93 25.46 -10.11
C CYS B 521 1.66 26.12 -8.93
N SER B 522 1.42 27.41 -8.70
CA SER B 522 2.20 28.11 -7.68
C SER B 522 2.14 27.43 -6.30
N ARG B 523 0.96 26.98 -5.89
CA ARG B 523 0.77 26.31 -4.62
C ARG B 523 1.52 24.98 -4.54
N GLN B 524 1.52 24.21 -5.64
CA GLN B 524 2.13 22.88 -5.67
C GLN B 524 3.65 23.04 -5.62
N LEU B 525 4.14 24.09 -6.26
CA LEU B 525 5.56 24.43 -6.26
C LEU B 525 6.03 24.69 -4.85
N ASP B 526 5.27 25.54 -4.14
CA ASP B 526 5.52 25.85 -2.72
C ASP B 526 5.44 24.65 -1.83
N GLU B 527 4.46 23.77 -2.09
CA GLU B 527 4.36 22.48 -1.40
C GLU B 527 5.64 21.67 -1.49
N LEU B 528 6.17 21.55 -2.72
CA LEU B 528 7.32 20.67 -2.95
C LEU B 528 8.60 21.25 -2.35
N ILE B 529 8.72 22.57 -2.36
CA ILE B 529 9.81 23.23 -1.60
C ILE B 529 9.69 22.91 -0.11
N THR B 530 8.49 22.99 0.45
CA THR B 530 8.25 22.67 1.86
C THR B 530 8.68 21.22 2.15
N LEU B 531 8.28 20.31 1.27
CA LEU B 531 8.60 18.91 1.43
C LEU B 531 10.10 18.71 1.28
N ALA B 532 10.71 19.38 0.29
CA ALA B 532 12.18 19.29 0.10
C ALA B 532 12.90 19.66 1.36
N GLN B 533 12.51 20.81 1.90
CA GLN B 533 13.01 21.31 3.17
C GLN B 533 12.80 20.34 4.35
N GLY B 534 11.66 19.63 4.34
CA GLY B 534 11.36 18.67 5.43
C GLY B 534 12.17 17.38 5.30
N ASP B 535 12.38 16.94 4.07
CA ASP B 535 13.29 15.82 3.74
C ASP B 535 14.75 16.08 4.14
N LYS B 536 15.24 17.27 3.82
CA LYS B 536 16.57 17.67 4.20
C LYS B 536 16.70 17.59 5.72
N ALA B 537 15.74 18.21 6.42
CA ALA B 537 15.73 18.19 7.88
C ALA B 537 15.62 16.78 8.47
N SER B 538 14.92 15.91 7.75
CA SER B 538 14.81 14.49 8.08
C SER B 538 16.16 13.79 8.03
N LEU B 539 16.95 14.09 7.00
CA LEU B 539 18.35 13.64 6.96
C LEU B 539 19.18 14.17 8.14
N ASP B 540 19.02 15.45 8.47
CA ASP B 540 19.72 16.04 9.63
C ASP B 540 19.42 15.28 10.91
N MET B 541 18.16 14.88 11.04
CA MET B 541 17.64 14.12 12.16
C MET B 541 18.28 12.73 12.22
N ILE B 542 18.32 12.00 11.10
CA ILE B 542 19.09 10.77 11.00
C ILE B 542 20.59 10.97 11.30
N VAL B 543 21.24 11.94 10.64
CA VAL B 543 22.68 12.14 10.88
C VAL B 543 22.96 12.41 12.37
N ALA B 544 22.10 13.22 13.00
CA ALA B 544 22.27 13.55 14.42
C ALA B 544 22.17 12.31 15.33
N GLN B 545 21.26 11.39 15.02
CA GLN B 545 21.18 10.12 15.75
C GLN B 545 22.44 9.25 15.54
N LEU B 546 22.94 9.23 14.31
CA LEU B 546 24.21 8.56 14.00
C LEU B 546 25.34 9.15 14.81
N ASN B 547 25.34 10.46 14.98
CA ASN B 547 26.41 11.15 15.70
C ASN B 547 26.11 11.23 17.19
N GLU B 548 24.97 10.70 17.61
CA GLU B 548 24.55 10.75 19.02
C GLU B 548 24.50 12.19 19.58
N ASP B 549 24.03 13.10 18.73
CA ASP B 549 23.88 14.49 19.07
C ASP B 549 22.39 14.74 19.28
N THR B 550 22.02 14.75 20.56
CA THR B 550 20.62 14.85 20.99
C THR B 550 19.99 16.24 20.71
N GLU B 551 20.81 17.28 20.75
CA GLU B 551 20.31 18.62 20.53
C GLU B 551 20.10 18.90 19.05
N ALA B 552 21.07 18.55 18.21
CA ALA B 552 20.91 18.64 16.76
C ALA B 552 19.70 17.81 16.28
N TYR B 553 19.45 16.68 16.95
CA TYR B 553 18.33 15.81 16.62
C TYR B 553 16.95 16.43 16.89
N GLU B 554 16.83 17.05 18.06
CA GLU B 554 15.59 17.65 18.51
C GLU B 554 15.29 18.87 17.64
N SER B 555 16.35 19.57 17.31
CA SER B 555 16.26 20.76 16.50
C SER B 555 15.89 20.45 15.05
N ALA B 556 16.41 19.34 14.48
CA ALA B 556 16.06 18.94 13.12
C ALA B 556 14.67 18.32 13.09
N LYS B 557 14.32 17.64 14.16
CA LYS B 557 13.04 16.96 14.28
C LYS B 557 11.84 17.94 14.30
N GLU B 558 11.92 19.02 15.11
CA GLU B 558 10.83 20.00 15.13
C GLU B 558 10.62 20.62 13.73
N ILE B 559 11.72 20.95 13.06
CA ILE B 559 11.69 21.42 11.67
C ILE B 559 11.00 20.47 10.71
N ALA B 560 11.39 19.20 10.77
CA ALA B 560 10.80 18.16 9.96
C ALA B 560 9.32 18.05 10.21
N GLN B 561 8.95 17.94 11.47
CA GLN B 561 7.53 17.85 11.88
C GLN B 561 6.74 19.10 11.43
N ASN B 562 7.36 20.28 11.51
CA ASN B 562 6.68 21.51 11.11
C ASN B 562 6.47 21.60 9.59
N LYS B 563 7.49 21.20 8.82
CA LYS B 563 7.36 21.15 7.36
C LYS B 563 6.30 20.13 6.99
N LEU B 564 6.28 18.98 7.66
CA LEU B 564 5.26 17.98 7.32
C LEU B 564 3.85 18.48 7.68
N ASN B 565 3.72 19.11 8.84
CA ASN B 565 2.42 19.68 9.23
C ASN B 565 1.94 20.75 8.25
N THR B 566 2.84 21.66 7.86
CA THR B 566 2.53 22.60 6.77
C THR B 566 1.96 21.91 5.52
N ALA B 567 2.62 20.84 5.08
CA ALA B 567 2.23 20.14 3.84
C ALA B 567 0.87 19.41 3.95
N LEU B 568 0.64 18.84 5.12
CA LEU B 568 -0.59 18.12 5.38
C LEU B 568 -1.77 19.06 5.39
N SER B 569 -1.58 20.25 5.95
CA SER B 569 -2.67 21.19 6.08
C SER B 569 -2.97 22.00 4.81
N SER B 570 -2.10 21.97 3.81
CA SER B 570 -2.25 22.80 2.64
C SER B 570 -3.18 22.13 1.68
N PHE B 571 -3.94 22.93 0.93
CA PHE B 571 -4.76 22.44 -0.15
C PHE B 571 -3.93 21.65 -1.18
N ALA B 572 -2.75 22.16 -1.54
CA ALA B 572 -1.95 21.57 -2.64
C ALA B 572 -1.34 20.25 -2.21
N VAL B 573 -1.34 19.29 -3.12
CA VAL B 573 -0.90 17.93 -2.87
C VAL B 573 0.14 17.53 -3.92
N ILE B 574 1.24 16.93 -3.44
CA ILE B 574 2.33 16.51 -4.32
C ILE B 574 3.20 15.45 -3.65
N SER B 575 3.64 14.43 -4.39
CA SER B 575 4.69 13.49 -3.95
C SER B 575 4.33 12.78 -2.67
N GLU B 576 3.06 12.40 -2.53
CA GLU B 576 2.58 11.79 -1.30
C GLU B 576 3.44 10.60 -0.87
N LYS B 577 3.76 9.70 -1.83
CA LYS B 577 4.41 8.43 -1.46
C LYS B 577 5.91 8.59 -1.44
N VAL B 578 6.37 9.80 -1.70
CA VAL B 578 7.79 10.01 -1.84
C VAL B 578 8.32 11.10 -0.89
N ALA B 579 8.33 12.33 -1.37
CA ALA B 579 8.83 13.44 -0.56
C ALA B 579 8.08 13.59 0.75
N GLN B 580 6.78 13.33 0.73
CA GLN B 580 5.99 13.50 1.94
C GLN B 580 6.19 12.29 2.86
N SER B 581 6.00 11.11 2.25
CA SER B 581 6.14 9.86 2.98
C SER B 581 7.52 9.73 3.65
N PHE B 582 8.59 10.12 2.94
CA PHE B 582 9.96 10.13 3.50
C PHE B 582 10.03 10.76 4.88
N ILE B 583 9.35 11.90 5.07
CA ILE B 583 9.39 12.60 6.36
C ILE B 583 8.78 11.71 7.46
N GLN B 584 7.64 11.11 7.13
CA GLN B 584 6.92 10.27 8.10
C GLN B 584 7.76 9.04 8.44
N GLU B 585 8.37 8.45 7.40
CA GLU B 585 9.29 7.33 7.53
C GLU B 585 10.47 7.64 8.46
N ALA B 586 11.08 8.82 8.27
CA ALA B 586 12.21 9.22 9.05
C ALA B 586 11.79 9.45 10.51
N LEU B 587 10.61 10.05 10.73
CA LEU B 587 10.15 10.31 12.12
C LEU B 587 9.84 9.03 12.90
N SER B 588 9.50 7.97 12.18
CA SER B 588 9.18 6.67 12.76
C SER B 588 10.40 5.77 12.89
N PHE B 589 11.53 6.27 12.41
CA PHE B 589 12.75 5.45 12.36
C PHE B 589 13.51 5.73 13.65
N ASP B 590 14.18 4.72 14.19
CA ASP B 590 14.84 4.85 15.48
C ASP B 590 16.21 4.19 15.42
N LEU B 591 17.22 5.04 15.33
CA LEU B 591 18.60 4.55 15.23
C LEU B 591 19.22 4.34 16.60
N THR B 592 18.72 5.15 17.55
CA THR B 592 19.13 5.14 18.94
C THR B 592 19.03 3.77 19.68
N LEU B 593 18.20 2.85 19.17
CA LEU B 593 18.05 1.51 19.74
C LEU B 593 19.29 0.61 19.58
N ILE B 594 20.29 0.97 20.37
CA ILE B 594 21.47 0.17 20.58
C ILE B 594 22.15 0.78 21.80
CAH OAN C . 17.52 -10.60 17.52
CAG OAN C . 16.84 -9.22 17.53
OAN OAN C . 15.75 -9.05 16.97
NAI OAN C . 17.53 -8.26 18.17
CAB OAN C . 17.06 -6.88 18.35
CAC OAN C . 15.92 -6.88 19.43
OAJ OAN C . 16.45 -6.73 20.74
CAD OAN C . 14.90 -5.79 19.16
OAK OAN C . 13.91 -5.76 20.19
CAE OAN C . 14.24 -6.06 17.80
CAF OAN C . 13.04 -5.18 17.34
OAM OAN C . 13.28 -3.81 17.64
OAL OAN C . 15.27 -5.98 16.78
CAA OAN C . 16.59 -6.22 17.05
NAY OAN C . 17.51 -5.82 16.16
OAQ OAN C . 17.20 -5.20 14.95
CAP OAN C . 17.85 -4.02 14.78
OAR OAN C . 18.93 -3.83 15.35
NAO OAN C . 17.27 -3.11 13.94
CAS OAN C . 17.77 -1.86 13.67
CAT OAN C . 19.15 -1.60 13.55
CAU OAN C . 19.64 -0.30 13.27
CAV OAN C . 18.75 0.75 13.11
CAW OAN C . 17.36 0.51 13.20
CAX OAN C . 16.89 -0.78 13.47
CAH OAN D . -17.34 9.17 -18.38
CAG OAN D . -16.79 9.79 -17.06
OAN OAN D . -15.71 9.45 -16.58
NAI OAN D . -17.58 10.72 -16.49
CAB OAN D . -17.28 11.48 -15.27
CAC OAN D . -16.23 12.54 -15.68
OAJ OAN D . -16.90 13.73 -16.05
CAD OAN D . -15.23 12.85 -14.58
OAK OAN D . -14.30 13.79 -15.07
CAE OAN D . -14.49 11.59 -14.19
CAF OAN D . -13.36 11.78 -13.17
OAM OAN D . -13.83 12.44 -11.96
OAL OAN D . -15.44 10.66 -13.64
CAA OAN D . -16.73 10.63 -14.09
NAY OAN D . -17.55 9.83 -13.44
OAQ OAN D . -17.09 9.07 -12.39
CAP OAN D . -17.90 9.23 -11.31
OAR OAN D . -18.98 9.83 -11.41
NAO OAN D . -17.51 8.74 -10.13
CAS OAN D . -18.33 8.92 -9.09
CAT OAN D . -19.45 8.09 -8.92
CAU OAN D . -20.33 8.29 -7.85
CAV OAN D . -20.09 9.32 -6.95
CAW OAN D . -18.98 10.15 -7.11
CAX OAN D . -18.09 9.95 -8.18
CL CL E . -40.44 8.86 -19.09
CL CL F . 20.53 33.90 -49.35
#